data_5FI9
#
_entry.id   5FI9
#
_cell.length_a   57.394
_cell.length_b   72.018
_cell.length_c   74.420
_cell.angle_alpha   80.47
_cell.angle_beta   71.52
_cell.angle_gamma   83.60
#
_symmetry.space_group_name_H-M   'P 1'
#
loop_
_entity.id
_entity.type
_entity.pdbx_description
1 polymer 'Sphingomyelin phosphodiesterase'
2 branched 2-acetamido-2-deoxy-beta-D-glucopyranose-(1-4)-2-acetamido-2-deoxy-beta-D-glucopyranose
3 branched 2-acetamido-2-deoxy-beta-D-glucopyranose-(1-4)-[alpha-L-fucopyranose-(1-6)]2-acetamido-2-deoxy-beta-D-glucopyranose
4 branched alpha-D-mannopyranose-(1-3)-[alpha-D-mannopyranose-(1-6)]beta-D-mannopyranose-(1-4)-2-acetamido-2-deoxy-beta-D-glucopyranose-(1-4)-[alpha-L-fucopyranose-(1-6)]2-acetamido-2-deoxy-beta-D-glucopyranose
5 branched beta-D-mannopyranose-(1-4)-2-acetamido-2-deoxy-beta-D-glucopyranose-(1-4)-[alpha-L-fucopyranose-(1-6)]2-acetamido-2-deoxy-beta-D-glucopyranose
6 branched alpha-D-mannopyranose-(1-6)-beta-D-mannopyranose-(1-4)-2-acetamido-2-deoxy-beta-D-glucopyranose-(1-4)-[alpha-L-fucopyranose-(1-6)]2-acetamido-2-deoxy-beta-D-glucopyranose
7 non-polymer 'ZINC ION'
8 non-polymer '(1-azanyl-1-phosphono-decyl)phosphonic acid'
9 water water
#
_entity_poly.entity_id   1
_entity_poly.type   'polypeptide(L)'
_entity_poly.pdbx_seq_one_letter_code
;DRHHHHHHKLNLTCPACKVLFTALNHGLKKEPNVARVGSVAIKICKMLNIAPLDVCQSAVHLFEDDVVEVWTRSVLSPSE
ACGLLLGSSCGHWDIFSTWNISLPSVPKPPPKPPSPPAPGAPVSRVLFLTDLHWDHEYLEGTDPYCADPLCCRRGSGWPP
NSQKGAGFWGEYSKCDLPLRTLESLLKGLGPAGPFEMVYWTGDIPAHDVWQQSRQDQLRALTTITDLVRKFLGPVPVYPA
VGNHESTPVNGFPPPFIKGNQSSQWLYEAMAKAWEPWLPADALHTLRIGGFYALTPRPGLRLISLNMNFCSRENFWLLIN
STDPAGQLQWLVEELQAAENRGDKVHIIGHIPPGHCLKSWSWNYYKIIARYENTLAGQFFGHTHVDEFEIFYDEETLSRP
LAVAFLAPSATTFINLNPGYRVYQIDGNYPGSSHVVLDHETYILNLTQANAAGGTPSWKRLYRARETYGLPDAMPASWHN
LVYRMRDDEQLFQTFWFLYHKGHPPSEPCGTPCRLATLCAQLSARADSPALCRHLMPN
;
_entity_poly.pdbx_strand_id   A,B
#
# COMPACT_ATOMS: atom_id res chain seq x y z
N LYS A 9 -33.65 48.94 14.12
CA LYS A 9 -34.88 48.28 13.72
C LYS A 9 -35.14 48.47 12.23
N LEU A 10 -35.70 47.43 11.60
CA LEU A 10 -36.06 47.47 10.19
C LEU A 10 -37.53 47.11 10.04
N ASN A 11 -38.24 47.92 9.25
CA ASN A 11 -39.65 47.64 8.99
C ASN A 11 -39.79 46.46 8.05
N LEU A 12 -39.37 45.29 8.51
CA LEU A 12 -39.29 44.10 7.67
C LEU A 12 -39.80 42.91 8.48
N THR A 13 -40.88 42.29 8.02
CA THR A 13 -41.48 41.20 8.75
C THR A 13 -40.63 39.93 8.61
N CYS A 14 -40.97 38.93 9.41
CA CYS A 14 -40.22 37.67 9.39
C CYS A 14 -40.30 36.98 8.04
N PRO A 15 -41.48 36.72 7.46
CA PRO A 15 -41.50 36.08 6.13
C PRO A 15 -40.85 36.94 5.06
N ALA A 16 -41.04 38.26 5.12
CA ALA A 16 -40.44 39.15 4.14
C ALA A 16 -38.93 38.96 4.07
N CYS A 17 -38.26 39.04 5.23
CA CYS A 17 -36.82 38.86 5.27
C CYS A 17 -36.39 37.53 4.68
N LYS A 18 -37.21 36.49 4.82
CA LYS A 18 -36.85 35.19 4.29
C LYS A 18 -36.88 35.17 2.77
N VAL A 19 -37.75 35.97 2.16
CA VAL A 19 -37.81 36.02 0.70
C VAL A 19 -36.51 36.62 0.14
N LEU A 20 -35.99 37.66 0.80
CA LEU A 20 -34.77 38.30 0.33
C LEU A 20 -33.59 37.34 0.39
N PHE A 21 -33.30 36.82 1.58
CA PHE A 21 -32.17 35.91 1.72
C PHE A 21 -32.28 34.75 0.73
N THR A 22 -33.50 34.24 0.53
CA THR A 22 -33.71 33.20 -0.48
C THR A 22 -33.24 33.68 -1.85
N ALA A 23 -33.80 34.79 -2.33
CA ALA A 23 -33.42 35.31 -3.64
C ALA A 23 -31.97 35.75 -3.69
N LEU A 24 -31.35 36.04 -2.53
CA LEU A 24 -29.95 36.45 -2.51
C LEU A 24 -29.02 35.26 -2.36
N ASN A 25 -29.19 34.47 -1.30
CA ASN A 25 -28.28 33.35 -1.06
C ASN A 25 -28.30 32.37 -2.23
N HIS A 26 -29.49 31.98 -2.69
CA HIS A 26 -29.58 31.19 -3.90
C HIS A 26 -28.87 31.87 -5.05
N GLY A 27 -28.97 33.21 -5.12
CA GLY A 27 -28.25 33.93 -6.15
C GLY A 27 -26.74 33.89 -5.94
N LEU A 28 -26.30 34.12 -4.70
CA LEU A 28 -24.88 34.13 -4.40
C LEU A 28 -24.22 32.77 -4.56
N LYS A 29 -24.98 31.70 -4.78
CA LYS A 29 -24.40 30.37 -4.91
C LYS A 29 -23.59 30.22 -6.19
N LYS A 30 -23.85 31.03 -7.21
CA LYS A 30 -23.06 30.96 -8.44
C LYS A 30 -22.95 32.31 -9.14
N GLU A 31 -23.84 33.24 -8.83
CA GLU A 31 -23.80 34.54 -9.49
C GLU A 31 -22.47 35.24 -9.18
N PRO A 32 -21.91 35.99 -10.13
CA PRO A 32 -20.56 36.53 -9.94
C PRO A 32 -20.45 37.57 -8.84
N ASN A 33 -21.37 38.54 -8.83
CA ASN A 33 -21.30 39.66 -7.89
C ASN A 33 -22.63 39.82 -7.17
N VAL A 34 -22.58 40.62 -6.10
CA VAL A 34 -23.78 40.89 -5.30
C VAL A 34 -24.71 41.88 -5.99
N ALA A 35 -24.16 42.81 -6.77
CA ALA A 35 -24.97 43.89 -7.33
C ALA A 35 -26.13 43.36 -8.15
N ARG A 36 -25.84 42.59 -9.20
CA ARG A 36 -26.91 42.03 -10.03
C ARG A 36 -27.89 41.23 -9.19
N VAL A 37 -27.38 40.42 -8.26
CA VAL A 37 -28.27 39.67 -7.38
C VAL A 37 -29.06 40.63 -6.49
N GLY A 38 -28.42 41.71 -6.05
CA GLY A 38 -29.13 42.71 -5.25
C GLY A 38 -30.28 43.32 -6.01
N SER A 39 -30.11 43.56 -7.31
CA SER A 39 -31.18 44.11 -8.12
C SER A 39 -32.37 43.15 -8.20
N VAL A 40 -32.09 41.86 -8.40
CA VAL A 40 -33.16 40.86 -8.46
C VAL A 40 -33.98 40.90 -7.18
N ALA A 41 -33.30 40.94 -6.02
CA ALA A 41 -34.01 40.92 -4.76
C ALA A 41 -34.92 42.14 -4.60
N ILE A 42 -34.43 43.32 -5.03
CA ILE A 42 -35.25 44.52 -4.95
C ILE A 42 -36.43 44.42 -5.90
N LYS A 43 -36.23 43.82 -7.07
CA LYS A 43 -37.33 43.63 -8.02
C LYS A 43 -38.35 42.63 -7.47
N ILE A 44 -37.87 41.55 -6.85
CA ILE A 44 -38.78 40.65 -6.14
C ILE A 44 -39.60 41.43 -5.14
N CYS A 45 -38.93 42.20 -4.29
CA CYS A 45 -39.63 42.97 -3.26
C CYS A 45 -40.69 43.88 -3.87
N LYS A 46 -40.41 44.46 -5.04
CA LYS A 46 -41.37 45.36 -5.67
C LYS A 46 -42.55 44.59 -6.26
N MET A 47 -42.26 43.53 -7.03
CA MET A 47 -43.33 42.81 -7.72
C MET A 47 -44.37 42.27 -6.76
N LEU A 48 -43.92 41.74 -5.61
CA LEU A 48 -44.82 41.07 -4.67
C LEU A 48 -45.24 41.96 -3.51
N ASN A 49 -44.79 43.21 -3.45
CA ASN A 49 -45.24 44.14 -2.41
C ASN A 49 -44.88 43.62 -1.02
N ILE A 50 -43.69 43.03 -0.91
CA ILE A 50 -43.32 42.34 0.32
C ILE A 50 -42.96 43.33 1.43
N ALA A 51 -42.45 44.50 1.07
CA ALA A 51 -42.07 45.50 2.06
C ALA A 51 -41.69 46.81 1.36
N PRO A 52 -41.58 47.91 2.10
CA PRO A 52 -41.16 49.17 1.47
C PRO A 52 -39.77 49.03 0.86
N LEU A 53 -39.61 49.56 -0.36
CA LEU A 53 -38.35 49.39 -1.08
C LEU A 53 -37.18 49.95 -0.29
N ASP A 54 -37.38 51.07 0.40
CA ASP A 54 -36.34 51.60 1.27
C ASP A 54 -35.85 50.53 2.23
N VAL A 55 -36.77 49.78 2.82
CA VAL A 55 -36.40 48.71 3.74
C VAL A 55 -35.73 47.57 2.99
N CYS A 56 -36.24 47.26 1.80
CA CYS A 56 -35.67 46.15 1.03
C CYS A 56 -34.26 46.48 0.56
N GLN A 57 -34.05 47.70 0.06
CA GLN A 57 -32.70 48.10 -0.35
C GLN A 57 -31.80 48.30 0.86
N SER A 58 -32.37 48.61 2.02
CA SER A 58 -31.57 48.68 3.24
C SER A 58 -31.13 47.29 3.68
N ALA A 59 -32.00 46.29 3.51
CA ALA A 59 -31.64 44.93 3.89
C ALA A 59 -30.58 44.35 2.96
N VAL A 60 -30.71 44.57 1.66
CA VAL A 60 -29.69 44.11 0.71
C VAL A 60 -28.36 44.75 1.03
N HIS A 61 -28.37 46.00 1.51
CA HIS A 61 -27.13 46.68 1.87
C HIS A 61 -26.47 46.02 3.08
N LEU A 62 -27.25 45.37 3.94
CA LEU A 62 -26.71 44.76 5.15
C LEU A 62 -26.38 43.28 4.97
N PHE A 63 -27.27 42.54 4.28
CA PHE A 63 -27.08 41.10 4.09
C PHE A 63 -25.65 40.78 3.69
N GLU A 64 -25.03 41.63 2.88
CA GLU A 64 -23.61 41.48 2.57
C GLU A 64 -23.00 42.80 2.13
N ASP A 65 -22.79 43.71 3.09
CA ASP A 65 -21.97 44.88 2.80
C ASP A 65 -20.56 44.45 2.41
N ASP A 66 -19.99 43.51 3.17
CA ASP A 66 -18.76 42.84 2.80
C ASP A 66 -18.90 41.36 3.14
N VAL A 67 -18.02 40.55 2.56
CA VAL A 67 -18.09 39.10 2.77
C VAL A 67 -17.72 38.72 4.19
N VAL A 68 -17.00 39.58 4.92
CA VAL A 68 -16.55 39.25 6.27
C VAL A 68 -17.75 38.97 7.15
N GLU A 69 -18.55 40.00 7.44
CA GLU A 69 -19.75 39.79 8.24
C GLU A 69 -20.49 38.56 7.75
N VAL A 70 -20.54 38.38 6.43
CA VAL A 70 -21.18 37.22 5.83
C VAL A 70 -20.30 35.98 5.89
N TRP A 71 -18.97 36.16 6.00
CA TRP A 71 -18.12 34.99 6.20
C TRP A 71 -18.52 34.25 7.46
N THR A 72 -18.85 34.99 8.53
CA THR A 72 -19.51 34.39 9.68
C THR A 72 -20.85 33.79 9.27
N ARG A 73 -21.54 34.41 8.31
CA ARG A 73 -22.82 33.95 7.82
C ARG A 73 -22.71 32.90 6.72
N SER A 74 -21.53 32.32 6.54
CA SER A 74 -21.41 31.23 5.57
C SER A 74 -22.33 30.07 5.94
N VAL A 75 -22.45 29.79 7.23
CA VAL A 75 -23.43 28.81 7.70
C VAL A 75 -24.84 29.35 7.54
N LEU A 76 -25.03 30.64 7.79
CA LEU A 76 -26.37 31.19 7.92
C LEU A 76 -27.18 31.01 6.65
N SER A 77 -28.46 30.74 6.83
CA SER A 77 -29.45 30.57 5.76
C SER A 77 -30.55 31.60 6.01
N PRO A 78 -31.68 31.57 5.28
CA PRO A 78 -32.66 32.66 5.50
C PRO A 78 -33.18 32.72 6.93
N SER A 79 -33.62 31.59 7.48
CA SER A 79 -34.16 31.60 8.83
C SER A 79 -33.11 31.98 9.86
N GLU A 80 -31.85 31.67 9.60
CA GLU A 80 -30.79 31.92 10.58
C GLU A 80 -30.34 33.38 10.55
N ALA A 81 -30.23 33.96 9.35
CA ALA A 81 -29.81 35.36 9.26
C ALA A 81 -30.92 36.31 9.68
N CYS A 82 -32.16 36.02 9.28
CA CYS A 82 -33.28 36.88 9.66
C CYS A 82 -33.38 37.02 11.16
N GLY A 83 -33.34 35.90 11.88
CA GLY A 83 -33.44 35.95 13.33
C GLY A 83 -32.45 36.90 13.96
N LEU A 84 -31.22 36.92 13.44
CA LEU A 84 -30.20 37.80 13.99
C LEU A 84 -30.47 39.26 13.62
N LEU A 85 -30.93 39.50 12.39
CA LEU A 85 -31.18 40.87 11.96
C LEU A 85 -32.49 41.41 12.53
N LEU A 86 -33.55 40.61 12.46
CA LEU A 86 -34.84 41.04 12.98
C LEU A 86 -34.88 40.99 14.51
N GLY A 87 -34.47 39.87 15.09
CA GLY A 87 -34.48 39.68 16.52
C GLY A 87 -35.23 38.41 16.89
N SER A 88 -35.64 38.35 18.16
CA SER A 88 -36.36 37.18 18.65
C SER A 88 -37.69 36.97 17.94
N SER A 89 -38.26 38.03 17.36
CA SER A 89 -39.57 37.93 16.70
C SER A 89 -39.53 37.17 15.38
N CYS A 90 -38.43 36.53 15.01
CA CYS A 90 -38.36 35.79 13.75
C CYS A 90 -37.58 34.50 13.92
N PHE A 96 -34.68 23.38 21.69
CA PHE A 96 -33.28 23.19 22.05
C PHE A 96 -33.02 23.63 23.49
N SER A 97 -33.01 22.66 24.40
CA SER A 97 -32.86 22.91 25.82
C SER A 97 -31.41 22.72 26.25
N THR A 98 -31.11 23.20 27.46
CA THR A 98 -29.77 23.13 28.03
C THR A 98 -29.71 22.02 29.08
N TRP A 99 -28.56 21.35 29.14
CA TRP A 99 -28.33 20.26 30.07
C TRP A 99 -26.86 19.89 29.97
N ASN A 100 -26.33 19.28 31.03
CA ASN A 100 -24.95 18.81 31.00
C ASN A 100 -24.84 17.48 31.72
N ILE A 101 -23.64 16.91 31.68
CA ILE A 101 -23.38 15.55 32.13
C ILE A 101 -22.67 15.61 33.48
N SER A 102 -22.83 14.54 34.26
CA SER A 102 -22.14 14.37 35.53
C SER A 102 -20.85 13.60 35.28
N LEU A 103 -19.71 14.28 35.45
CA LEU A 103 -18.43 13.60 35.30
C LEU A 103 -17.97 13.02 36.63
N PRO A 104 -17.38 11.83 36.65
CA PRO A 104 -16.92 11.26 37.92
C PRO A 104 -16.03 12.23 38.69
N SER A 105 -16.04 12.08 40.01
CA SER A 105 -15.26 12.96 40.87
C SER A 105 -13.77 12.65 40.82
N VAL A 106 -13.37 11.57 40.17
CA VAL A 106 -11.95 11.22 40.07
C VAL A 106 -11.21 12.38 39.41
N PRO A 107 -10.06 12.81 39.93
CA PRO A 107 -9.33 13.91 39.28
C PRO A 107 -8.75 13.48 37.94
N LYS A 108 -8.76 14.41 37.00
CA LYS A 108 -8.26 14.13 35.67
C LYS A 108 -6.76 13.83 35.73
N PRO A 109 -6.30 12.75 35.12
CA PRO A 109 -4.85 12.53 35.01
C PRO A 109 -4.19 13.66 34.25
N PRO A 110 -3.00 14.08 34.66
CA PRO A 110 -2.32 15.17 33.94
C PRO A 110 -2.13 14.80 32.48
N PRO A 111 -2.32 15.74 31.56
CA PRO A 111 -2.16 15.41 30.13
C PRO A 111 -0.74 14.97 29.82
N LYS A 112 -0.63 13.88 29.05
CA LYS A 112 0.65 13.39 28.56
C LYS A 112 0.41 12.79 27.19
N PRO A 113 1.28 13.06 26.20
CA PRO A 113 1.03 12.53 24.86
C PRO A 113 1.31 11.05 24.81
N PRO A 114 0.64 10.31 23.92
CA PRO A 114 0.98 8.90 23.71
C PRO A 114 2.42 8.74 23.25
N SER A 115 3.10 7.76 23.81
CA SER A 115 4.48 7.49 23.41
C SER A 115 4.50 6.94 21.99
N PRO A 116 5.38 7.42 21.12
CA PRO A 116 5.44 6.86 19.77
C PRO A 116 5.82 5.39 19.83
N PRO A 117 5.39 4.60 18.84
CA PRO A 117 5.72 3.18 18.86
C PRO A 117 7.23 2.96 18.83
N ALA A 118 7.67 1.97 19.58
CA ALA A 118 9.09 1.64 19.63
C ALA A 118 9.46 0.71 18.48
N PRO A 119 10.75 0.62 18.15
CA PRO A 119 11.18 -0.30 17.09
C PRO A 119 10.67 -1.71 17.35
N GLY A 120 10.25 -2.39 16.27
CA GLY A 120 9.68 -3.71 16.37
C GLY A 120 8.20 -3.74 16.69
N ALA A 121 7.62 -2.63 17.13
CA ALA A 121 6.21 -2.61 17.47
C ALA A 121 5.37 -2.78 16.21
N PRO A 122 4.43 -3.73 16.18
CA PRO A 122 3.67 -3.95 14.94
C PRO A 122 2.69 -2.83 14.68
N VAL A 123 2.13 -2.87 13.47
CA VAL A 123 1.08 -1.96 13.04
C VAL A 123 -0.14 -2.80 12.67
N SER A 124 -1.31 -2.18 12.72
CA SER A 124 -2.56 -2.82 12.35
C SER A 124 -3.28 -1.99 11.32
N ARG A 125 -3.91 -2.65 10.35
CA ARG A 125 -4.70 -1.98 9.33
C ARG A 125 -6.18 -2.14 9.66
N VAL A 126 -6.89 -1.01 9.67
CA VAL A 126 -8.31 -0.98 9.99
C VAL A 126 -9.03 -0.42 8.78
N LEU A 127 -9.80 -1.26 8.10
CA LEU A 127 -10.66 -0.79 7.03
C LEU A 127 -11.80 0.02 7.62
N PHE A 128 -12.17 1.11 6.94
CA PHE A 128 -13.25 1.97 7.38
C PHE A 128 -14.23 2.16 6.24
N LEU A 129 -15.46 1.70 6.43
CA LEU A 129 -16.54 1.85 5.46
C LEU A 129 -17.60 2.78 6.03
N THR A 130 -18.19 3.60 5.16
CA THR A 130 -19.22 4.53 5.61
C THR A 130 -19.96 5.09 4.40
N ASP A 131 -21.26 5.28 4.56
CA ASP A 131 -22.09 5.92 3.54
C ASP A 131 -22.04 5.15 2.22
N LEU A 132 -22.33 3.85 2.30
CA LEU A 132 -22.39 3.03 1.10
C LEU A 132 -23.60 3.39 0.25
N HIS A 133 -24.74 3.64 0.88
CA HIS A 133 -25.94 4.12 0.20
C HIS A 133 -26.23 3.29 -1.06
N TRP A 134 -26.61 2.05 -0.83
CA TRP A 134 -26.97 1.16 -1.92
C TRP A 134 -28.36 1.50 -2.43
N ASP A 135 -28.47 1.72 -3.74
CA ASP A 135 -29.76 1.98 -4.38
C ASP A 135 -30.17 0.73 -5.15
N HIS A 136 -31.17 0.02 -4.62
CA HIS A 136 -31.69 -1.17 -5.29
C HIS A 136 -32.21 -0.86 -6.69
N GLU A 137 -32.56 0.40 -6.97
CA GLU A 137 -33.23 0.78 -8.21
C GLU A 137 -32.31 1.51 -9.18
N TYR A 138 -31.01 1.57 -8.92
CA TYR A 138 -30.09 2.23 -9.83
C TYR A 138 -30.21 1.62 -11.22
N LEU A 139 -30.17 2.48 -12.24
CA LEU A 139 -30.35 2.04 -13.62
C LEU A 139 -29.44 2.86 -14.52
N GLU A 140 -28.68 2.18 -15.38
CA GLU A 140 -27.78 2.85 -16.29
C GLU A 140 -28.54 3.58 -17.38
N GLY A 141 -28.01 4.73 -17.80
CA GLY A 141 -28.55 5.47 -18.91
C GLY A 141 -29.63 6.47 -18.56
N THR A 142 -30.22 6.36 -17.38
CA THR A 142 -31.26 7.30 -16.98
C THR A 142 -30.67 8.69 -16.80
N ASP A 143 -31.54 9.64 -16.45
CA ASP A 143 -31.13 11.04 -16.31
C ASP A 143 -30.51 11.27 -14.94
N PRO A 144 -29.23 11.65 -14.86
CA PRO A 144 -28.64 11.93 -13.54
C PRO A 144 -29.13 13.24 -12.91
N TYR A 145 -29.81 14.10 -13.67
CA TYR A 145 -30.21 15.41 -13.20
C TYR A 145 -31.73 15.55 -13.19
N CYS A 146 -32.41 14.50 -12.75
CA CYS A 146 -33.86 14.52 -12.64
C CYS A 146 -34.30 15.56 -11.62
N ALA A 147 -35.61 15.73 -11.44
CA ALA A 147 -36.10 16.71 -10.48
C ALA A 147 -36.10 16.15 -9.06
N ASP A 148 -36.21 14.84 -8.91
CA ASP A 148 -36.25 14.23 -7.59
C ASP A 148 -34.93 14.44 -6.86
N PRO A 149 -34.93 14.32 -5.52
CA PRO A 149 -33.66 14.40 -4.78
C PRO A 149 -32.66 13.32 -5.16
N LEU A 150 -33.10 12.22 -5.75
CA LEU A 150 -32.23 11.12 -6.15
C LEU A 150 -32.57 10.71 -7.58
N CYS A 151 -31.54 10.49 -8.39
CA CYS A 151 -31.71 10.18 -9.80
C CYS A 151 -30.93 8.90 -10.13
N CYS A 152 -30.62 8.73 -11.42
CA CYS A 152 -29.93 7.53 -11.92
C CYS A 152 -30.66 6.26 -11.51
N ARG A 153 -31.99 6.31 -11.43
CA ARG A 153 -32.76 5.18 -10.97
C ARG A 153 -34.09 5.14 -11.70
N ARG A 154 -34.81 4.03 -11.52
CA ARG A 154 -36.12 3.89 -12.13
C ARG A 154 -37.03 5.02 -11.67
N GLY A 155 -37.64 5.71 -12.64
CA GLY A 155 -38.52 6.83 -12.38
C GLY A 155 -37.91 8.19 -12.66
N SER A 156 -36.58 8.29 -12.63
CA SER A 156 -35.92 9.56 -12.88
C SER A 156 -36.03 10.02 -14.33
N GLY A 157 -36.42 9.14 -15.24
CA GLY A 157 -36.57 9.51 -16.64
C GLY A 157 -35.32 9.22 -17.44
N TRP A 158 -35.29 9.81 -18.64
CA TRP A 158 -34.20 9.65 -19.56
C TRP A 158 -33.54 11.00 -19.82
N PRO A 159 -32.31 11.02 -20.33
CA PRO A 159 -31.64 12.30 -20.59
C PRO A 159 -32.29 13.02 -21.75
N PRO A 160 -32.12 14.34 -21.84
CA PRO A 160 -32.69 15.09 -22.96
C PRO A 160 -31.74 15.18 -24.15
N ASN A 161 -32.33 15.08 -25.35
CA ASN A 161 -31.65 15.31 -26.62
C ASN A 161 -30.20 14.81 -26.60
N SER A 162 -30.05 13.52 -26.33
CA SER A 162 -28.81 12.76 -26.50
C SER A 162 -27.77 12.99 -25.41
N GLN A 163 -28.08 13.73 -24.34
CA GLN A 163 -27.12 13.91 -23.27
C GLN A 163 -26.78 12.58 -22.62
N LYS A 164 -25.60 12.50 -22.03
CA LYS A 164 -25.12 11.25 -21.46
C LYS A 164 -25.96 10.85 -20.26
N GLY A 165 -26.42 9.59 -20.25
CA GLY A 165 -27.19 9.07 -19.15
C GLY A 165 -26.31 8.66 -17.98
N ALA A 166 -26.94 8.01 -17.02
CA ALA A 166 -26.23 7.59 -15.80
C ALA A 166 -25.19 6.54 -16.14
N GLY A 167 -23.97 6.75 -15.65
CA GLY A 167 -22.90 5.80 -15.91
C GLY A 167 -23.23 4.42 -15.39
N PHE A 168 -22.44 3.45 -15.85
CA PHE A 168 -22.68 2.05 -15.49
C PHE A 168 -22.37 1.80 -14.02
N TRP A 169 -21.23 2.27 -13.54
CA TRP A 169 -20.80 2.05 -12.16
C TRP A 169 -21.20 3.18 -11.23
N GLY A 170 -22.00 4.13 -11.69
CA GLY A 170 -22.33 5.33 -10.95
C GLY A 170 -22.14 6.56 -11.81
N GLU A 171 -22.47 7.71 -11.23
CA GLU A 171 -22.39 8.95 -11.97
C GLU A 171 -22.08 10.11 -11.02
N TYR A 172 -21.45 11.14 -11.59
CA TYR A 172 -21.15 12.37 -10.86
C TYR A 172 -22.40 13.24 -10.83
N SER A 173 -23.30 12.92 -9.92
CA SER A 173 -24.53 13.69 -9.78
C SER A 173 -25.12 13.39 -8.41
N LYS A 174 -26.41 13.71 -8.23
CA LYS A 174 -27.12 13.40 -6.99
C LYS A 174 -27.71 11.99 -7.11
N CYS A 175 -26.80 11.02 -7.14
CA CYS A 175 -27.15 9.63 -7.33
C CYS A 175 -26.36 8.78 -6.35
N ASP A 176 -26.88 7.57 -6.11
CA ASP A 176 -26.23 6.59 -5.26
C ASP A 176 -25.64 5.46 -6.14
N LEU A 177 -25.30 4.32 -5.51
CA LEU A 177 -24.58 3.27 -6.21
C LEU A 177 -25.46 2.05 -6.44
N PRO A 178 -25.25 1.34 -7.55
CA PRO A 178 -25.83 0.00 -7.69
C PRO A 178 -25.01 -1.01 -6.89
N LEU A 179 -25.58 -2.20 -6.72
CA LEU A 179 -24.88 -3.26 -6.00
C LEU A 179 -23.59 -3.64 -6.70
N ARG A 180 -23.52 -3.43 -8.03
CA ARG A 180 -22.31 -3.77 -8.77
C ARG A 180 -21.09 -3.04 -8.20
N THR A 181 -21.20 -1.72 -8.05
CA THR A 181 -20.08 -0.92 -7.59
C THR A 181 -19.68 -1.27 -6.16
N LEU A 182 -20.65 -1.65 -5.32
CA LEU A 182 -20.32 -2.04 -3.96
C LEU A 182 -19.64 -3.40 -3.93
N GLU A 183 -20.15 -4.36 -4.69
CA GLU A 183 -19.46 -5.65 -4.81
C GLU A 183 -18.05 -5.46 -5.37
N SER A 184 -17.89 -4.51 -6.29
CA SER A 184 -16.57 -4.24 -6.85
C SER A 184 -15.63 -3.66 -5.80
N LEU A 185 -16.16 -2.84 -4.89
CA LEU A 185 -15.34 -2.28 -3.83
C LEU A 185 -14.76 -3.39 -2.95
N LEU A 186 -15.62 -4.28 -2.45
CA LEU A 186 -15.17 -5.30 -1.52
C LEU A 186 -14.19 -6.26 -2.19
N LYS A 187 -14.45 -6.64 -3.44
CA LYS A 187 -13.61 -7.64 -4.10
C LYS A 187 -12.17 -7.16 -4.24
N GLY A 188 -11.96 -5.87 -4.45
CA GLY A 188 -10.63 -5.35 -4.70
C GLY A 188 -9.94 -4.79 -3.47
N LEU A 189 -10.22 -5.37 -2.30
CA LEU A 189 -9.59 -4.91 -1.06
C LEU A 189 -8.22 -5.52 -0.83
N GLY A 190 -7.84 -6.54 -1.59
CA GLY A 190 -6.59 -7.25 -1.37
C GLY A 190 -5.41 -6.33 -1.13
N PRO A 191 -5.15 -5.42 -2.06
CA PRO A 191 -4.00 -4.50 -1.89
C PRO A 191 -4.12 -3.59 -0.68
N ALA A 192 -5.33 -3.33 -0.19
CA ALA A 192 -5.52 -2.43 0.95
C ALA A 192 -5.34 -3.13 2.28
N GLY A 193 -5.29 -4.46 2.31
CA GLY A 193 -5.17 -5.20 3.55
C GLY A 193 -3.84 -5.92 3.70
N PRO A 194 -3.82 -7.01 4.49
CA PRO A 194 -4.94 -7.58 5.24
C PRO A 194 -5.41 -6.67 6.38
N PHE A 195 -6.65 -6.86 6.82
CA PHE A 195 -7.25 -6.01 7.84
C PHE A 195 -7.41 -6.78 9.13
N GLU A 196 -7.00 -6.15 10.24
CA GLU A 196 -7.22 -6.74 11.55
C GLU A 196 -8.68 -6.62 11.97
N MET A 197 -9.35 -5.55 11.54
CA MET A 197 -10.77 -5.36 11.81
C MET A 197 -11.28 -4.25 10.91
N VAL A 198 -12.59 -4.03 10.95
CA VAL A 198 -13.26 -3.08 10.07
C VAL A 198 -14.23 -2.25 10.88
N TYR A 199 -14.35 -0.97 10.53
CA TYR A 199 -15.34 -0.08 11.10
C TYR A 199 -16.32 0.34 10.01
N TRP A 200 -17.61 0.36 10.34
CA TRP A 200 -18.68 0.54 9.35
C TRP A 200 -19.72 1.47 9.94
N THR A 201 -19.63 2.76 9.63
CA THR A 201 -20.44 3.77 10.30
C THR A 201 -21.68 4.14 9.49
N GLY A 202 -22.50 3.13 9.20
CA GLY A 202 -23.89 3.33 8.83
C GLY A 202 -24.14 3.98 7.48
N ASP A 203 -25.41 4.37 7.31
CA ASP A 203 -25.95 4.93 6.06
C ASP A 203 -25.86 3.90 4.93
N ILE A 204 -26.70 2.88 5.06
CA ILE A 204 -26.71 1.75 4.14
C ILE A 204 -27.72 1.99 3.02
N PRO A 205 -28.96 2.40 3.32
CA PRO A 205 -29.93 2.61 2.25
C PRO A 205 -29.60 3.85 1.43
N ALA A 206 -30.25 3.95 0.28
CA ALA A 206 -30.11 5.11 -0.58
C ALA A 206 -30.97 6.26 -0.04
N HIS A 207 -30.99 7.37 -0.79
CA HIS A 207 -31.74 8.55 -0.41
C HIS A 207 -33.15 8.58 -1.00
N ASP A 208 -33.69 7.42 -1.37
CA ASP A 208 -35.07 7.33 -1.86
C ASP A 208 -36.05 7.35 -0.70
N VAL A 209 -36.03 8.47 0.04
CA VAL A 209 -36.81 8.56 1.28
C VAL A 209 -38.29 8.34 1.00
N TRP A 210 -38.82 9.01 -0.02
CA TRP A 210 -40.26 9.01 -0.28
C TRP A 210 -40.83 7.64 -0.58
N GLN A 211 -39.99 6.62 -0.73
CA GLN A 211 -40.45 5.27 -1.03
C GLN A 211 -39.62 4.25 -0.26
N GLN A 212 -39.44 4.51 1.02
CA GLN A 212 -38.66 3.63 1.92
C GLN A 212 -39.61 3.02 2.94
N SER A 213 -40.02 1.78 2.67
CA SER A 213 -40.75 1.01 3.66
C SER A 213 -39.78 0.36 4.63
N ARG A 214 -40.32 -0.22 5.70
CA ARG A 214 -39.49 -0.98 6.63
C ARG A 214 -38.91 -2.21 5.96
N GLN A 215 -39.67 -2.84 5.04
CA GLN A 215 -39.13 -3.96 4.29
C GLN A 215 -37.90 -3.54 3.50
N ASP A 216 -37.96 -2.37 2.85
CA ASP A 216 -36.83 -1.90 2.06
C ASP A 216 -35.59 -1.69 2.93
N GLN A 217 -35.78 -1.08 4.10
CA GLN A 217 -34.64 -0.78 4.97
C GLN A 217 -33.99 -2.05 5.49
N LEU A 218 -34.81 -3.05 5.84
CA LEU A 218 -34.25 -4.32 6.29
C LEU A 218 -33.61 -5.08 5.13
N ARG A 219 -34.10 -4.87 3.90
CA ARG A 219 -33.46 -5.47 2.73
C ARG A 219 -32.07 -4.91 2.52
N ALA A 220 -31.88 -3.62 2.80
CA ALA A 220 -30.56 -3.02 2.66
C ALA A 220 -29.62 -3.49 3.77
N LEU A 221 -30.16 -3.70 4.98
CA LEU A 221 -29.35 -4.19 6.08
C LEU A 221 -28.87 -5.61 5.80
N THR A 222 -29.80 -6.51 5.49
CA THR A 222 -29.42 -7.91 5.25
C THR A 222 -28.55 -8.04 4.01
N THR A 223 -28.89 -7.32 2.94
CA THR A 223 -28.15 -7.48 1.69
C THR A 223 -26.71 -7.01 1.83
N ILE A 224 -26.50 -5.84 2.42
CA ILE A 224 -25.15 -5.29 2.52
C ILE A 224 -24.36 -5.98 3.62
N THR A 225 -25.02 -6.35 4.72
CA THR A 225 -24.31 -7.08 5.77
C THR A 225 -23.75 -8.39 5.25
N ASP A 226 -24.58 -9.18 4.56
CA ASP A 226 -24.10 -10.43 3.99
C ASP A 226 -22.98 -10.19 2.99
N LEU A 227 -23.09 -9.12 2.20
CA LEU A 227 -22.05 -8.82 1.21
C LEU A 227 -20.73 -8.50 1.89
N VAL A 228 -20.74 -7.57 2.85
CA VAL A 228 -19.54 -7.24 3.59
C VAL A 228 -18.94 -8.48 4.22
N ARG A 229 -19.78 -9.28 4.89
CA ARG A 229 -19.30 -10.50 5.54
C ARG A 229 -18.74 -11.48 4.53
N LYS A 230 -19.24 -11.44 3.29
CA LYS A 230 -18.78 -12.36 2.27
C LYS A 230 -17.31 -12.11 1.91
N PHE A 231 -16.97 -10.85 1.67
CA PHE A 231 -15.62 -10.50 1.20
C PHE A 231 -14.65 -10.21 2.33
N LEU A 232 -15.12 -10.03 3.56
CA LEU A 232 -14.24 -9.89 4.71
C LEU A 232 -14.04 -11.19 5.47
N GLY A 233 -15.04 -12.06 5.46
CA GLY A 233 -14.91 -13.38 6.04
C GLY A 233 -14.66 -13.33 7.53
N PRO A 234 -13.57 -13.96 7.99
CA PRO A 234 -13.34 -14.06 9.44
C PRO A 234 -12.96 -12.74 10.10
N VAL A 235 -12.75 -11.68 9.34
CA VAL A 235 -12.35 -10.39 9.92
C VAL A 235 -13.57 -9.73 10.55
N PRO A 236 -13.51 -9.32 11.81
CA PRO A 236 -14.68 -8.70 12.44
C PRO A 236 -14.98 -7.33 11.86
N VAL A 237 -16.26 -7.05 11.66
CA VAL A 237 -16.76 -5.75 11.25
C VAL A 237 -17.56 -5.16 12.40
N TYR A 238 -17.25 -3.93 12.77
CA TYR A 238 -17.90 -3.26 13.90
C TYR A 238 -18.71 -2.07 13.37
N PRO A 239 -20.03 -2.20 13.21
CA PRO A 239 -20.81 -1.14 12.58
C PRO A 239 -21.29 -0.10 13.59
N ALA A 240 -21.78 1.02 13.03
CA ALA A 240 -22.46 2.05 13.79
C ALA A 240 -23.72 2.45 13.02
N VAL A 241 -24.72 2.90 13.76
CA VAL A 241 -26.03 3.20 13.18
C VAL A 241 -25.99 4.55 12.48
N GLY A 242 -26.40 4.58 11.21
CA GLY A 242 -26.53 5.81 10.48
C GLY A 242 -27.92 6.41 10.60
N ASN A 243 -28.09 7.58 9.99
CA ASN A 243 -29.36 8.29 10.04
C ASN A 243 -30.34 7.88 8.96
N HIS A 244 -29.89 7.18 7.92
CA HIS A 244 -30.78 6.69 6.88
C HIS A 244 -31.29 5.29 7.13
N GLU A 245 -30.81 4.60 8.17
CA GLU A 245 -31.13 3.19 8.37
C GLU A 245 -32.61 2.96 8.70
N SER A 246 -33.34 3.98 9.13
CA SER A 246 -34.73 3.84 9.49
C SER A 246 -35.62 4.65 8.57
N THR A 247 -36.91 4.35 8.61
CA THR A 247 -37.92 5.12 7.89
C THR A 247 -39.06 5.49 8.83
N PRO A 248 -39.46 6.78 8.86
CA PRO A 248 -38.93 7.92 8.09
C PRO A 248 -37.49 8.27 8.44
N VAL A 249 -36.79 8.90 7.49
CA VAL A 249 -35.36 9.16 7.65
C VAL A 249 -35.12 10.04 8.86
N ASN A 250 -34.02 9.79 9.56
CA ASN A 250 -33.58 10.58 10.70
C ASN A 250 -34.42 10.32 11.95
N GLY A 251 -35.54 9.60 11.79
CA GLY A 251 -36.43 9.35 12.91
C GLY A 251 -35.98 8.18 13.77
N PHE A 252 -35.28 8.48 14.86
CA PHE A 252 -34.81 7.47 15.81
C PHE A 252 -35.37 7.80 17.18
N PRO A 253 -36.52 7.25 17.55
CA PRO A 253 -37.10 7.54 18.87
C PRO A 253 -36.23 7.00 19.98
N PRO A 254 -36.07 7.74 21.08
CA PRO A 254 -35.35 7.19 22.23
C PRO A 254 -36.07 5.97 22.77
N PRO A 255 -35.37 5.11 23.53
CA PRO A 255 -36.00 3.85 23.97
C PRO A 255 -37.20 4.04 24.89
N PHE A 256 -37.45 5.23 25.43
CA PHE A 256 -38.63 5.39 26.27
C PHE A 256 -39.92 5.29 25.49
N ILE A 257 -39.85 5.21 24.16
CA ILE A 257 -41.01 4.99 23.31
C ILE A 257 -41.09 3.51 22.98
N LYS A 258 -42.24 2.91 23.26
CA LYS A 258 -42.45 1.48 23.04
C LYS A 258 -43.55 1.29 21.98
N GLY A 259 -43.58 0.08 21.42
CA GLY A 259 -44.58 -0.28 20.44
C GLY A 259 -44.01 -0.34 19.03
N ASN A 260 -44.93 -0.49 18.07
CA ASN A 260 -44.56 -0.58 16.66
C ASN A 260 -43.87 0.70 16.18
N GLN A 261 -44.08 1.82 16.87
CA GLN A 261 -43.45 3.08 16.47
C GLN A 261 -42.00 3.20 16.94
N SER A 262 -41.55 2.31 17.82
CA SER A 262 -40.15 2.33 18.23
C SER A 262 -39.27 1.78 17.11
N SER A 263 -37.96 1.96 17.29
CA SER A 263 -36.98 1.46 16.33
C SER A 263 -36.57 0.01 16.63
N GLN A 264 -37.44 -0.76 17.31
CA GLN A 264 -37.09 -2.13 17.64
C GLN A 264 -37.06 -3.01 16.41
N TRP A 265 -37.96 -2.76 15.44
CA TRP A 265 -37.90 -3.47 14.18
C TRP A 265 -36.53 -3.36 13.55
N LEU A 266 -35.83 -2.25 13.80
CA LEU A 266 -34.51 -2.01 13.23
C LEU A 266 -33.39 -2.53 14.13
N TYR A 267 -33.51 -2.33 15.44
CA TYR A 267 -32.44 -2.75 16.35
C TYR A 267 -32.39 -4.26 16.48
N GLU A 268 -33.54 -4.92 16.58
CA GLU A 268 -33.57 -6.37 16.66
C GLU A 268 -33.14 -7.03 15.35
N ALA A 269 -33.28 -6.33 14.23
CA ALA A 269 -32.77 -6.85 12.97
C ALA A 269 -31.26 -6.69 12.85
N MET A 270 -30.71 -5.63 13.44
CA MET A 270 -29.25 -5.46 13.46
C MET A 270 -28.60 -6.52 14.35
N ALA A 271 -29.12 -6.69 15.57
CA ALA A 271 -28.56 -7.68 16.48
C ALA A 271 -28.54 -9.07 15.84
N LYS A 272 -29.51 -9.36 14.97
CA LYS A 272 -29.52 -10.63 14.26
C LYS A 272 -28.50 -10.64 13.13
N ALA A 273 -28.49 -9.58 12.31
CA ALA A 273 -27.59 -9.52 11.17
C ALA A 273 -26.13 -9.36 11.61
N TRP A 274 -25.89 -8.66 12.71
CA TRP A 274 -24.54 -8.36 13.17
C TRP A 274 -24.06 -9.32 14.25
N GLU A 275 -24.85 -10.33 14.58
CA GLU A 275 -24.45 -11.30 15.61
C GLU A 275 -23.08 -11.92 15.33
N PRO A 276 -22.75 -12.34 14.11
CA PRO A 276 -21.42 -12.92 13.87
C PRO A 276 -20.26 -12.07 14.39
N TRP A 277 -20.44 -10.76 14.51
CA TRP A 277 -19.36 -9.84 14.84
C TRP A 277 -19.39 -9.32 16.27
N LEU A 278 -20.56 -9.28 16.91
CA LEU A 278 -20.70 -8.62 18.20
C LEU A 278 -20.94 -9.64 19.31
N PRO A 279 -20.35 -9.45 20.49
CA PRO A 279 -20.55 -10.40 21.59
C PRO A 279 -21.86 -10.14 22.31
N ALA A 280 -22.11 -10.94 23.35
CA ALA A 280 -23.39 -10.90 24.05
C ALA A 280 -23.68 -9.51 24.59
N ASP A 281 -22.81 -8.99 25.46
CA ASP A 281 -23.09 -7.72 26.12
C ASP A 281 -23.33 -6.60 25.11
N ALA A 282 -22.64 -6.63 23.97
CA ALA A 282 -22.81 -5.59 22.96
C ALA A 282 -24.22 -5.62 22.38
N LEU A 283 -24.66 -6.80 21.90
CA LEU A 283 -26.01 -6.93 21.36
C LEU A 283 -27.07 -6.47 22.35
N HIS A 284 -26.83 -6.67 23.64
CA HIS A 284 -27.81 -6.26 24.65
C HIS A 284 -28.14 -4.78 24.53
N THR A 285 -27.12 -3.93 24.55
CA THR A 285 -27.35 -2.50 24.41
C THR A 285 -27.75 -2.12 23.00
N LEU A 286 -27.23 -2.83 22.00
CA LEU A 286 -27.57 -2.54 20.61
C LEU A 286 -29.07 -2.70 20.38
N ARG A 287 -29.67 -3.77 20.90
CA ARG A 287 -31.10 -3.97 20.73
C ARG A 287 -31.92 -2.85 21.35
N ILE A 288 -31.41 -2.23 22.42
CA ILE A 288 -32.19 -1.26 23.17
C ILE A 288 -32.07 0.14 22.58
N GLY A 289 -30.85 0.57 22.27
CA GLY A 289 -30.64 1.94 21.80
C GLY A 289 -29.76 2.06 20.57
N GLY A 290 -29.38 0.92 19.99
CA GLY A 290 -28.56 0.95 18.80
C GLY A 290 -27.13 1.41 19.03
N PHE A 291 -26.59 1.19 20.23
CA PHE A 291 -25.19 1.49 20.51
C PHE A 291 -24.64 0.38 21.41
N TYR A 292 -23.32 0.26 21.42
CA TYR A 292 -22.68 -0.84 22.14
C TYR A 292 -21.22 -0.50 22.39
N ALA A 293 -20.59 -1.30 23.24
CA ALA A 293 -19.17 -1.20 23.53
C ALA A 293 -18.61 -2.59 23.73
N LEU A 294 -17.40 -2.83 23.22
CA LEU A 294 -16.78 -4.14 23.32
C LEU A 294 -15.26 -3.98 23.30
N THR A 295 -14.57 -5.09 23.56
CA THR A 295 -13.12 -5.12 23.61
C THR A 295 -12.58 -5.93 22.44
N PRO A 296 -12.14 -5.28 21.35
CA PRO A 296 -11.71 -6.05 20.18
C PRO A 296 -10.32 -6.65 20.34
N ARG A 297 -9.53 -6.18 21.29
CA ARG A 297 -8.19 -6.68 21.52
C ARG A 297 -7.68 -6.11 22.83
N PRO A 298 -6.73 -6.77 23.49
CA PRO A 298 -6.31 -6.33 24.82
C PRO A 298 -5.88 -4.87 24.82
N GLY A 299 -6.21 -4.17 25.91
CA GLY A 299 -5.82 -2.79 26.09
C GLY A 299 -6.63 -1.79 25.30
N LEU A 300 -7.58 -2.22 24.49
CA LEU A 300 -8.36 -1.34 23.64
C LEU A 300 -9.85 -1.58 23.87
N ARG A 301 -10.61 -0.49 23.88
CA ARG A 301 -12.06 -0.53 24.08
C ARG A 301 -12.72 0.21 22.93
N LEU A 302 -13.55 -0.49 22.16
CA LEU A 302 -14.26 0.10 21.02
C LEU A 302 -15.67 0.47 21.45
N ILE A 303 -16.02 1.75 21.28
CA ILE A 303 -17.33 2.27 21.65
C ILE A 303 -18.02 2.74 20.37
N SER A 304 -19.18 2.16 20.08
CA SER A 304 -19.98 2.54 18.92
C SER A 304 -21.19 3.33 19.41
N LEU A 305 -21.26 4.60 19.01
CA LEU A 305 -22.33 5.48 19.43
C LEU A 305 -23.37 5.63 18.33
N ASN A 306 -24.62 5.81 18.74
CA ASN A 306 -25.72 6.10 17.81
C ASN A 306 -25.92 7.61 17.85
N MET A 307 -25.28 8.30 16.90
CA MET A 307 -25.30 9.76 16.88
C MET A 307 -26.65 10.32 16.44
N ASN A 308 -27.60 9.48 16.03
CA ASN A 308 -28.94 9.98 15.73
C ASN A 308 -29.55 10.67 16.94
N PHE A 309 -29.21 10.22 18.16
CA PHE A 309 -29.69 10.86 19.38
C PHE A 309 -29.06 12.22 19.61
N CYS A 310 -28.05 12.60 18.82
CA CYS A 310 -27.52 13.95 18.79
C CYS A 310 -28.04 14.75 17.61
N SER A 311 -28.81 14.12 16.73
CA SER A 311 -29.10 14.69 15.42
C SER A 311 -30.10 15.84 15.52
N ARG A 312 -29.92 16.83 14.63
CA ARG A 312 -30.84 17.95 14.53
C ARG A 312 -32.08 17.56 13.74
N GLU A 313 -31.96 16.63 12.80
CA GLU A 313 -33.08 16.21 11.95
C GLU A 313 -34.00 15.22 12.66
N ASN A 314 -33.59 14.66 13.80
CA ASN A 314 -34.37 13.65 14.51
C ASN A 314 -35.48 14.37 15.27
N PHE A 315 -36.65 14.46 14.64
CA PHE A 315 -37.79 15.16 15.25
C PHE A 315 -38.23 14.53 16.57
N TRP A 316 -37.87 13.27 16.83
CA TRP A 316 -38.28 12.62 18.06
C TRP A 316 -37.73 13.33 19.29
N LEU A 317 -36.55 13.95 19.17
CA LEU A 317 -35.93 14.60 20.34
C LEU A 317 -36.71 15.81 20.82
N LEU A 318 -37.78 16.20 20.12
CA LEU A 318 -38.67 17.24 20.64
C LEU A 318 -39.29 16.83 21.97
N ILE A 319 -39.42 15.53 22.21
CA ILE A 319 -40.00 15.05 23.46
C ILE A 319 -39.04 15.29 24.62
N ASN A 320 -37.76 14.93 24.43
CA ASN A 320 -36.74 15.10 25.47
C ASN A 320 -35.39 14.99 24.77
N SER A 321 -34.79 16.14 24.47
CA SER A 321 -33.46 16.17 23.85
C SER A 321 -32.33 16.00 24.86
N THR A 322 -32.65 15.80 26.13
CA THR A 322 -31.64 15.68 27.17
C THR A 322 -31.06 14.27 27.15
N ASP A 323 -29.79 14.15 26.75
CA ASP A 323 -29.03 12.90 26.68
C ASP A 323 -29.94 11.71 26.40
N PRO A 324 -30.57 11.66 25.22
CA PRO A 324 -31.51 10.58 24.93
C PRO A 324 -30.84 9.21 25.08
N ALA A 325 -31.56 8.29 25.72
CA ALA A 325 -31.11 6.93 26.01
C ALA A 325 -29.98 6.89 27.04
N GLY A 326 -29.68 8.01 27.69
CA GLY A 326 -28.57 8.04 28.63
C GLY A 326 -27.25 7.62 28.02
N GLN A 327 -27.07 7.89 26.73
CA GLN A 327 -25.88 7.41 26.02
C GLN A 327 -24.61 8.07 26.57
N LEU A 328 -24.61 9.40 26.67
CA LEU A 328 -23.41 10.10 27.12
C LEU A 328 -23.05 9.70 28.55
N GLN A 329 -24.05 9.58 29.43
CA GLN A 329 -23.78 9.04 30.75
C GLN A 329 -23.21 7.63 30.66
N TRP A 330 -23.77 6.82 29.76
CA TRP A 330 -23.21 5.50 29.50
C TRP A 330 -21.80 5.60 28.94
N LEU A 331 -21.56 6.55 28.03
CA LEU A 331 -20.23 6.74 27.46
C LEU A 331 -19.23 7.09 28.56
N VAL A 332 -19.59 8.02 29.43
CA VAL A 332 -18.69 8.43 30.51
C VAL A 332 -18.27 7.23 31.34
N GLU A 333 -19.23 6.37 31.70
CA GLU A 333 -18.91 5.19 32.49
C GLU A 333 -17.93 4.29 31.76
N GLU A 334 -18.18 4.03 30.48
CA GLU A 334 -17.25 3.22 29.70
C GLU A 334 -15.85 3.84 29.67
N LEU A 335 -15.79 5.17 29.45
CA LEU A 335 -14.49 5.84 29.41
C LEU A 335 -13.80 5.78 30.75
N GLN A 336 -14.53 6.08 31.83
CA GLN A 336 -13.92 6.06 33.15
C GLN A 336 -13.46 4.67 33.55
N ALA A 337 -14.18 3.63 33.12
CA ALA A 337 -13.74 2.27 33.38
C ALA A 337 -12.48 1.94 32.60
N ALA A 338 -12.38 2.44 31.36
CA ALA A 338 -11.17 2.27 30.58
C ALA A 338 -9.99 2.97 31.25
N GLU A 339 -10.23 4.13 31.85
CA GLU A 339 -9.17 4.86 32.51
C GLU A 339 -8.64 4.09 33.72
N ASN A 340 -9.54 3.60 34.58
CA ASN A 340 -9.11 2.82 35.73
C ASN A 340 -8.43 1.53 35.31
N ARG A 341 -8.87 0.94 34.19
CA ARG A 341 -8.34 -0.32 33.71
C ARG A 341 -7.03 -0.15 32.94
N GLY A 342 -6.73 1.06 32.48
CA GLY A 342 -5.56 1.31 31.67
C GLY A 342 -5.79 1.20 30.18
N ASP A 343 -7.01 0.86 29.75
CA ASP A 343 -7.28 0.69 28.34
C ASP A 343 -7.35 2.03 27.62
N LYS A 344 -7.20 1.98 26.30
CA LYS A 344 -7.42 3.12 25.43
C LYS A 344 -8.68 2.87 24.62
N VAL A 345 -9.26 3.96 24.10
CA VAL A 345 -10.62 3.93 23.57
C VAL A 345 -10.64 4.39 22.13
N HIS A 346 -11.42 3.70 21.31
CA HIS A 346 -11.79 4.15 19.97
C HIS A 346 -13.30 4.36 19.95
N ILE A 347 -13.72 5.54 19.51
CA ILE A 347 -15.13 5.87 19.36
C ILE A 347 -15.46 5.86 17.87
N ILE A 348 -16.57 5.21 17.52
CA ILE A 348 -17.08 5.23 16.16
C ILE A 348 -18.53 5.65 16.20
N GLY A 349 -18.92 6.52 15.26
CA GLY A 349 -20.28 6.95 15.10
C GLY A 349 -20.49 7.36 13.65
N HIS A 350 -21.69 7.85 13.36
CA HIS A 350 -21.99 8.28 12.01
C HIS A 350 -21.87 9.80 11.88
N ILE A 351 -22.80 10.53 12.48
CA ILE A 351 -22.75 11.99 12.43
C ILE A 351 -21.59 12.48 13.29
N PRO A 352 -20.68 13.30 12.77
CA PRO A 352 -19.59 13.80 13.60
C PRO A 352 -20.11 14.72 14.68
N PRO A 353 -19.42 14.82 15.82
CA PRO A 353 -19.96 15.62 16.94
C PRO A 353 -20.19 17.07 16.59
N GLY A 354 -19.38 17.64 15.69
CA GLY A 354 -19.53 19.03 15.32
C GLY A 354 -20.88 19.37 14.72
N HIS A 355 -21.58 18.38 14.15
CA HIS A 355 -22.88 18.58 13.53
C HIS A 355 -24.03 18.26 14.46
N CYS A 356 -23.76 18.03 15.74
CA CYS A 356 -24.79 17.64 16.69
C CYS A 356 -25.48 18.88 17.27
N LEU A 357 -26.52 18.63 18.04
CA LEU A 357 -27.17 19.69 18.78
C LEU A 357 -26.18 20.34 19.75
N LYS A 358 -26.46 21.59 20.12
CA LYS A 358 -25.53 22.35 20.93
C LYS A 358 -25.19 21.62 22.23
N SER A 359 -26.20 21.36 23.07
CA SER A 359 -25.95 20.73 24.37
C SER A 359 -25.20 19.42 24.21
N TRP A 360 -25.73 18.50 23.41
CA TRP A 360 -25.08 17.22 23.20
C TRP A 360 -23.63 17.41 22.77
N SER A 361 -23.38 18.29 21.80
CA SER A 361 -22.04 18.50 21.29
C SER A 361 -21.12 19.05 22.38
N TRP A 362 -21.55 20.10 23.08
CA TRP A 362 -20.74 20.68 24.13
C TRP A 362 -20.41 19.67 25.21
N ASN A 363 -21.35 18.77 25.52
CA ASN A 363 -21.09 17.74 26.51
C ASN A 363 -20.12 16.70 25.99
N TYR A 364 -20.29 16.27 24.74
CA TYR A 364 -19.33 15.36 24.13
C TYR A 364 -17.94 15.99 24.10
N TYR A 365 -17.87 17.26 23.69
CA TYR A 365 -16.60 17.98 23.69
C TYR A 365 -15.99 17.99 25.09
N LYS A 366 -16.82 18.13 26.13
CA LYS A 366 -16.32 18.11 27.50
C LYS A 366 -15.83 16.72 27.89
N ILE A 367 -16.52 15.68 27.41
CA ILE A 367 -16.11 14.32 27.73
C ILE A 367 -14.78 13.99 27.05
N ILE A 368 -14.64 14.36 25.78
CA ILE A 368 -13.39 14.11 25.08
C ILE A 368 -12.23 14.82 25.75
N ALA A 369 -12.46 16.06 26.20
CA ALA A 369 -11.40 16.83 26.85
C ALA A 369 -10.97 16.18 28.17
N ARG A 370 -11.91 15.56 28.89
CA ARG A 370 -11.59 14.96 30.18
C ARG A 370 -10.73 13.70 30.00
N TYR A 371 -11.09 12.85 29.04
CA TYR A 371 -10.43 11.57 28.84
C TYR A 371 -9.46 11.58 27.66
N GLU A 372 -8.73 12.68 27.50
CA GLU A 372 -7.78 12.79 26.38
C GLU A 372 -6.74 11.68 26.43
N ASN A 373 -6.25 11.35 27.63
CA ASN A 373 -5.22 10.33 27.77
C ASN A 373 -5.75 8.92 27.49
N THR A 374 -7.06 8.72 27.61
CA THR A 374 -7.66 7.42 27.35
C THR A 374 -8.14 7.28 25.91
N LEU A 375 -8.54 8.38 25.28
CA LEU A 375 -9.03 8.35 23.91
C LEU A 375 -7.87 8.26 22.93
N ALA A 376 -7.92 7.26 22.05
CA ALA A 376 -6.88 7.06 21.05
C ALA A 376 -7.37 7.19 19.62
N GLY A 377 -8.68 7.32 19.40
CA GLY A 377 -9.21 7.49 18.06
C GLY A 377 -10.68 7.78 18.02
N GLN A 378 -11.08 8.71 17.14
CA GLN A 378 -12.47 9.01 16.87
C GLN A 378 -12.70 8.94 15.37
N PHE A 379 -13.74 8.22 14.95
CA PHE A 379 -13.97 7.95 13.53
C PHE A 379 -15.45 8.13 13.22
N PHE A 380 -15.75 8.94 12.20
CA PHE A 380 -17.12 9.24 11.82
C PHE A 380 -17.20 9.31 10.29
N GLY A 381 -18.40 9.62 9.80
CA GLY A 381 -18.62 9.81 8.38
C GLY A 381 -19.66 10.88 8.14
N HIS A 382 -20.68 10.57 7.34
CA HIS A 382 -21.88 11.41 7.21
C HIS A 382 -21.65 12.61 6.29
N THR A 383 -20.44 13.17 6.28
CA THR A 383 -20.17 14.32 5.42
C THR A 383 -19.91 13.92 3.97
N HIS A 384 -19.51 12.67 3.74
CA HIS A 384 -19.22 12.11 2.42
C HIS A 384 -17.94 12.68 1.82
N VAL A 385 -17.20 13.53 2.53
CA VAL A 385 -15.96 14.11 2.05
C VAL A 385 -14.86 13.82 3.07
N ASP A 386 -13.62 14.07 2.67
CA ASP A 386 -12.44 13.75 3.47
C ASP A 386 -12.17 14.94 4.40
N GLU A 387 -12.57 14.82 5.65
CA GLU A 387 -12.47 15.90 6.63
C GLU A 387 -11.87 15.37 7.93
N PHE A 388 -11.76 16.26 8.91
CA PHE A 388 -11.34 15.90 10.26
C PHE A 388 -11.70 17.04 11.20
N GLU A 389 -12.08 16.68 12.43
CA GLU A 389 -12.47 17.65 13.46
C GLU A 389 -11.51 17.56 14.64
N ILE A 390 -10.92 18.70 14.99
CA ILE A 390 -9.93 18.77 16.07
C ILE A 390 -10.62 19.23 17.35
N PHE A 391 -10.25 18.61 18.47
CA PHE A 391 -10.73 18.97 19.80
C PHE A 391 -9.62 19.67 20.57
N TYR A 392 -9.98 20.72 21.31
CA TYR A 392 -9.03 21.48 22.10
C TYR A 392 -9.37 21.39 23.58
N ASP A 393 -8.43 21.82 24.41
CA ASP A 393 -8.65 21.85 25.85
C ASP A 393 -9.75 22.85 26.19
N GLU A 394 -10.63 22.43 27.09
CA GLU A 394 -11.77 23.28 27.45
C GLU A 394 -11.34 24.52 28.20
N GLU A 395 -10.25 24.45 28.97
CA GLU A 395 -9.85 25.58 29.80
C GLU A 395 -9.46 26.78 28.95
N THR A 396 -8.70 26.56 27.87
CA THR A 396 -8.20 27.65 27.04
C THR A 396 -8.50 27.49 25.55
N LEU A 397 -8.94 26.32 25.10
CA LEU A 397 -9.26 26.10 23.69
C LEU A 397 -8.04 26.37 22.81
N SER A 398 -6.89 25.82 23.22
CA SER A 398 -5.63 26.07 22.53
C SER A 398 -4.76 24.83 22.34
N ARG A 399 -4.88 23.80 23.18
CA ARG A 399 -4.04 22.61 23.06
C ARG A 399 -4.82 21.53 22.34
N PRO A 400 -4.49 21.20 21.09
CA PRO A 400 -5.21 20.11 20.41
C PRO A 400 -4.91 18.78 21.11
N LEU A 401 -5.97 18.10 21.54
CA LEU A 401 -5.84 16.90 22.36
C LEU A 401 -6.51 15.68 21.77
N ALA A 402 -7.19 15.81 20.64
CA ALA A 402 -7.85 14.68 20.00
C ALA A 402 -8.20 15.06 18.57
N VAL A 403 -8.47 14.05 17.75
CA VAL A 403 -8.84 14.24 16.36
C VAL A 403 -9.95 13.26 16.02
N ALA A 404 -11.00 13.77 15.37
CA ALA A 404 -12.04 12.94 14.79
C ALA A 404 -11.86 12.95 13.28
N PHE A 405 -11.55 11.79 12.71
CA PHE A 405 -11.37 11.66 11.27
C PHE A 405 -12.72 11.42 10.61
N LEU A 406 -13.11 12.32 9.72
CA LEU A 406 -14.38 12.22 8.99
C LEU A 406 -14.08 11.64 7.61
N ALA A 407 -14.31 10.34 7.45
CA ALA A 407 -13.93 9.65 6.23
C ALA A 407 -14.89 9.96 5.08
N PRO A 408 -14.43 9.83 3.84
CA PRO A 408 -15.31 10.09 2.70
C PRO A 408 -16.18 8.89 2.37
N SER A 409 -17.29 9.19 1.68
CA SER A 409 -18.31 8.19 1.42
C SER A 409 -17.89 7.23 0.32
N ALA A 410 -18.44 6.03 0.36
CA ALA A 410 -18.29 5.09 -0.74
C ALA A 410 -19.17 5.46 -1.92
N THR A 411 -20.29 6.15 -1.66
CA THR A 411 -21.21 6.52 -2.72
C THR A 411 -20.73 7.80 -3.43
N THR A 412 -21.38 8.09 -4.56
CA THR A 412 -21.07 9.26 -5.34
C THR A 412 -21.82 10.50 -4.87
N PHE A 413 -22.98 10.31 -4.26
CA PHE A 413 -23.78 11.39 -3.70
C PHE A 413 -22.92 12.39 -2.91
N ILE A 414 -22.68 13.62 -3.40
CA ILE A 414 -23.11 14.14 -4.71
C ILE A 414 -21.89 14.57 -5.50
N ASN A 415 -21.83 14.17 -6.77
CA ASN A 415 -20.76 14.61 -7.67
C ASN A 415 -19.38 14.28 -7.08
N LEU A 416 -19.26 13.06 -6.57
CA LEU A 416 -18.02 12.59 -5.95
C LEU A 416 -17.63 11.25 -6.55
N ASN A 417 -16.35 10.88 -6.32
CA ASN A 417 -15.86 9.54 -6.68
C ASN A 417 -16.15 8.57 -5.55
N PRO A 418 -16.49 7.31 -5.85
CA PRO A 418 -16.55 6.29 -4.79
C PRO A 418 -15.19 6.13 -4.14
N GLY A 419 -15.19 5.86 -2.83
CA GLY A 419 -13.94 5.69 -2.13
C GLY A 419 -14.09 5.25 -0.68
N TYR A 420 -13.10 4.53 -0.17
CA TYR A 420 -13.08 4.08 1.22
C TYR A 420 -11.75 4.46 1.85
N ARG A 421 -11.63 4.15 3.14
CA ARG A 421 -10.52 4.61 3.97
C ARG A 421 -9.89 3.41 4.68
N VAL A 422 -8.59 3.49 4.92
CA VAL A 422 -7.85 2.49 5.68
C VAL A 422 -6.92 3.21 6.63
N TYR A 423 -6.89 2.76 7.89
CA TYR A 423 -6.09 3.39 8.93
C TYR A 423 -4.96 2.47 9.36
N GLN A 424 -3.79 3.07 9.59
CA GLN A 424 -2.67 2.39 10.22
C GLN A 424 -2.62 2.83 11.67
N ILE A 425 -2.79 1.89 12.60
CA ILE A 425 -2.82 2.19 14.02
C ILE A 425 -1.71 1.45 14.72
N ASP A 426 -1.31 1.98 15.88
CA ASP A 426 -0.34 1.30 16.72
C ASP A 426 -0.81 -0.13 17.00
N GLY A 427 0.06 -1.09 16.73
CA GLY A 427 -0.33 -2.48 16.68
C GLY A 427 -0.88 -3.07 17.95
N ASN A 428 -1.07 -4.39 17.95
CA ASN A 428 -1.70 -5.12 19.05
C ASN A 428 -0.60 -5.72 19.92
N TYR A 429 -0.22 -4.98 20.97
CA TYR A 429 0.81 -5.45 21.88
C TYR A 429 0.64 -4.73 23.21
N PRO A 430 1.03 -5.36 24.32
CA PRO A 430 0.88 -4.68 25.62
C PRO A 430 1.63 -3.36 25.63
N GLY A 431 0.99 -2.34 26.23
CA GLY A 431 1.56 -1.01 26.27
C GLY A 431 1.34 -0.18 25.03
N SER A 432 0.82 -0.77 23.95
CA SER A 432 0.51 -0.02 22.75
C SER A 432 -0.38 1.17 23.07
N SER A 433 -0.30 2.20 22.22
CA SER A 433 -1.16 3.38 22.34
C SER A 433 -2.41 3.28 21.46
N HIS A 434 -2.44 2.35 20.51
CA HIS A 434 -3.59 2.13 19.63
C HIS A 434 -3.97 3.38 18.84
N VAL A 435 -3.06 4.34 18.75
CA VAL A 435 -3.35 5.60 18.05
C VAL A 435 -3.22 5.40 16.55
N VAL A 436 -3.90 6.28 15.80
CA VAL A 436 -3.74 6.33 14.35
C VAL A 436 -2.36 6.87 14.02
N LEU A 437 -1.58 6.10 13.28
CA LEU A 437 -0.25 6.53 12.85
C LEU A 437 -0.23 7.14 11.47
N ASP A 438 -1.22 6.84 10.63
CA ASP A 438 -1.26 7.24 9.24
C ASP A 438 -2.54 6.66 8.65
N HIS A 439 -2.96 7.18 7.51
CA HIS A 439 -4.13 6.61 6.84
C HIS A 439 -4.03 6.84 5.34
N GLU A 440 -4.88 6.11 4.61
CA GLU A 440 -4.89 6.11 3.16
C GLU A 440 -6.33 6.12 2.68
N THR A 441 -6.54 6.69 1.50
CA THR A 441 -7.85 6.73 0.87
C THR A 441 -7.76 6.09 -0.51
N TYR A 442 -8.65 5.15 -0.79
CA TYR A 442 -8.76 4.51 -2.09
C TYR A 442 -10.03 5.00 -2.77
N ILE A 443 -9.98 5.11 -4.10
CA ILE A 443 -11.09 5.64 -4.87
C ILE A 443 -11.36 4.74 -6.08
N LEU A 444 -12.55 4.92 -6.64
CA LEU A 444 -12.88 4.40 -7.97
C LEU A 444 -13.03 5.61 -8.90
N ASN A 445 -12.23 5.65 -9.95
CA ASN A 445 -12.29 6.74 -10.91
C ASN A 445 -13.37 6.40 -11.93
N LEU A 446 -14.56 7.00 -11.76
CA LEU A 446 -15.68 6.69 -12.65
C LEU A 446 -15.39 7.12 -14.08
N THR A 447 -14.77 8.28 -14.26
CA THR A 447 -14.46 8.75 -15.62
C THR A 447 -13.72 7.68 -16.41
N GLN A 448 -12.96 6.82 -15.74
CA GLN A 448 -12.25 5.73 -16.40
C GLN A 448 -13.01 4.41 -16.36
N ALA A 449 -13.94 4.25 -15.42
CA ALA A 449 -14.69 2.99 -15.29
C ALA A 449 -15.93 2.98 -16.17
N ASN A 450 -16.61 4.12 -16.31
CA ASN A 450 -17.80 4.21 -17.15
C ASN A 450 -17.47 4.40 -18.62
N ALA A 451 -16.22 4.73 -18.96
CA ALA A 451 -15.84 4.91 -20.35
C ALA A 451 -15.86 3.59 -21.09
N ALA A 452 -16.14 3.65 -22.39
CA ALA A 452 -16.19 2.46 -23.22
C ALA A 452 -14.90 1.65 -23.06
N GLY A 453 -15.06 0.41 -22.59
CA GLY A 453 -13.91 -0.42 -22.28
C GLY A 453 -13.32 -0.19 -20.92
N GLY A 454 -13.87 0.74 -20.13
CA GLY A 454 -13.34 0.98 -18.80
C GLY A 454 -13.72 -0.14 -17.85
N THR A 455 -12.76 -0.51 -17.00
CA THR A 455 -12.94 -1.58 -16.03
C THR A 455 -12.75 -1.04 -14.62
N PRO A 456 -13.45 -1.60 -13.63
CA PRO A 456 -13.24 -1.16 -12.24
C PRO A 456 -11.82 -1.45 -11.79
N SER A 457 -11.11 -0.40 -11.38
CA SER A 457 -9.78 -0.52 -10.81
C SER A 457 -9.66 0.52 -9.72
N TRP A 458 -9.69 0.07 -8.47
CA TRP A 458 -9.55 0.98 -7.34
C TRP A 458 -8.07 1.26 -7.09
N LYS A 459 -7.72 2.54 -6.93
CA LYS A 459 -6.34 2.94 -6.75
C LYS A 459 -6.21 3.76 -5.47
N ARG A 460 -5.02 3.73 -4.90
CA ARG A 460 -4.73 4.49 -3.69
C ARG A 460 -4.61 5.96 -4.05
N LEU A 461 -5.58 6.77 -3.62
CA LEU A 461 -5.55 8.19 -3.95
C LEU A 461 -4.33 8.86 -3.33
N TYR A 462 -4.11 8.65 -2.04
CA TYR A 462 -3.00 9.29 -1.36
C TYR A 462 -2.82 8.68 0.02
N ARG A 463 -1.67 8.96 0.61
CA ARG A 463 -1.39 8.67 2.01
C ARG A 463 -1.18 9.99 2.74
N ALA A 464 -1.78 10.11 3.93
CA ALA A 464 -1.80 11.39 4.63
C ALA A 464 -0.39 11.90 4.88
N ARG A 465 0.41 11.16 5.65
CA ARG A 465 1.74 11.64 6.02
C ARG A 465 2.59 11.95 4.80
N GLU A 466 2.37 11.25 3.69
CA GLU A 466 3.15 11.50 2.48
C GLU A 466 2.79 12.86 1.88
N THR A 467 1.53 13.03 1.48
CA THR A 467 1.13 14.25 0.80
C THR A 467 1.29 15.48 1.69
N TYR A 468 0.90 15.36 2.96
CA TYR A 468 0.95 16.48 3.89
C TYR A 468 2.28 16.59 4.63
N GLY A 469 3.20 15.64 4.42
CA GLY A 469 4.50 15.68 5.05
C GLY A 469 4.44 15.83 6.56
N LEU A 470 3.59 15.03 7.21
CA LEU A 470 3.42 15.14 8.64
C LEU A 470 4.38 14.21 9.39
N PRO A 471 4.84 14.61 10.58
CA PRO A 471 5.66 13.69 11.38
C PRO A 471 4.86 12.55 11.97
N ASP A 472 3.54 12.67 12.01
CA ASP A 472 2.66 11.65 12.57
C ASP A 472 1.23 12.08 12.28
N ALA A 473 0.27 11.36 12.86
CA ALA A 473 -1.14 11.69 12.74
C ALA A 473 -1.72 12.20 14.07
N MET A 474 -0.89 12.86 14.86
CA MET A 474 -1.30 13.35 16.16
C MET A 474 -2.12 14.62 16.01
N PRO A 475 -2.89 14.97 17.05
CA PRO A 475 -3.72 16.20 16.94
C PRO A 475 -2.90 17.44 16.63
N ALA A 476 -1.72 17.57 17.23
CA ALA A 476 -0.89 18.75 16.97
C ALA A 476 -0.48 18.83 15.51
N SER A 477 -0.24 17.68 14.86
CA SER A 477 0.14 17.69 13.46
C SER A 477 -1.02 18.12 12.56
N TRP A 478 -2.23 17.65 12.87
CA TRP A 478 -3.39 18.11 12.11
C TRP A 478 -3.71 19.57 12.44
N HIS A 479 -3.57 19.96 13.71
CA HIS A 479 -3.69 21.35 14.07
C HIS A 479 -2.71 22.22 13.28
N ASN A 480 -1.48 21.74 13.13
CA ASN A 480 -0.48 22.49 12.36
C ASN A 480 -0.74 22.42 10.86
N LEU A 481 -1.44 21.38 10.40
CA LEU A 481 -1.77 21.30 8.98
C LEU A 481 -2.80 22.34 8.58
N VAL A 482 -3.73 22.66 9.47
CA VAL A 482 -4.77 23.65 9.16
C VAL A 482 -4.14 25.01 8.92
N TYR A 483 -3.37 25.50 9.89
CA TYR A 483 -2.78 26.82 9.77
C TYR A 483 -1.70 26.89 8.70
N ARG A 484 -1.11 25.75 8.34
CA ARG A 484 -0.24 25.72 7.16
C ARG A 484 -1.05 25.99 5.89
N MET A 485 -2.28 25.45 5.84
CA MET A 485 -3.16 25.69 4.70
C MET A 485 -3.78 27.07 4.74
N ARG A 486 -3.89 27.68 5.92
CA ARG A 486 -4.38 29.05 6.01
C ARG A 486 -3.46 30.02 5.27
N ASP A 487 -2.16 29.72 5.24
CA ASP A 487 -1.17 30.61 4.65
C ASP A 487 -0.58 30.08 3.35
N ASP A 488 -0.90 28.84 2.96
CA ASP A 488 -0.31 28.21 1.77
C ASP A 488 -1.44 27.81 0.84
N GLU A 489 -1.73 28.68 -0.14
CA GLU A 489 -2.80 28.38 -1.10
C GLU A 489 -2.57 27.07 -1.82
N GLN A 490 -1.31 26.72 -2.09
CA GLN A 490 -1.02 25.48 -2.80
C GLN A 490 -1.30 24.26 -1.93
N LEU A 491 -0.98 24.34 -0.64
CA LEU A 491 -1.22 23.20 0.25
C LEU A 491 -2.69 23.00 0.54
N PHE A 492 -3.52 24.06 0.44
CA PHE A 492 -4.94 23.89 0.64
C PHE A 492 -5.63 23.28 -0.59
N GLN A 493 -5.21 23.69 -1.79
CA GLN A 493 -5.80 23.14 -3.00
C GLN A 493 -5.65 21.62 -3.02
N THR A 494 -4.49 21.12 -2.63
CA THR A 494 -4.31 19.68 -2.44
C THR A 494 -5.40 19.12 -1.52
N PHE A 495 -5.49 19.67 -0.31
CA PHE A 495 -6.53 19.24 0.62
C PHE A 495 -7.92 19.36 -0.01
N TRP A 496 -8.15 20.43 -0.77
CA TRP A 496 -9.43 20.61 -1.43
C TRP A 496 -9.65 19.55 -2.51
N PHE A 497 -8.58 19.17 -3.21
CA PHE A 497 -8.68 18.10 -4.20
C PHE A 497 -9.03 16.78 -3.53
N LEU A 498 -8.30 16.42 -2.46
CA LEU A 498 -8.62 15.20 -1.73
C LEU A 498 -9.95 15.31 -1.01
N TYR A 499 -10.32 16.51 -0.58
CA TYR A 499 -11.62 16.74 0.06
C TYR A 499 -12.74 16.05 -0.70
N HIS A 500 -12.75 16.22 -2.02
CA HIS A 500 -13.80 15.66 -2.88
C HIS A 500 -13.37 14.36 -3.54
N LYS A 501 -12.41 13.64 -2.96
CA LYS A 501 -11.94 12.36 -3.50
C LYS A 501 -11.48 12.51 -4.96
N GLY A 502 -10.69 13.54 -5.21
CA GLY A 502 -10.12 13.73 -6.53
C GLY A 502 -11.13 14.07 -7.61
N HIS A 503 -12.22 14.75 -7.25
CA HIS A 503 -13.21 15.23 -8.22
C HIS A 503 -13.82 16.51 -7.70
N PRO A 504 -13.03 17.58 -7.63
CA PRO A 504 -13.53 18.83 -7.03
C PRO A 504 -14.58 19.47 -7.91
N PRO A 505 -15.40 20.37 -7.36
CA PRO A 505 -16.30 21.14 -8.20
C PRO A 505 -15.53 22.13 -9.07
N SER A 506 -16.12 22.47 -10.21
CA SER A 506 -15.47 23.43 -11.10
C SER A 506 -15.26 24.78 -10.42
N GLU A 507 -16.16 25.15 -9.50
CA GLU A 507 -16.05 26.40 -8.76
C GLU A 507 -14.80 26.38 -7.88
N PRO A 508 -13.80 27.22 -8.17
CA PRO A 508 -12.62 27.24 -7.30
C PRO A 508 -12.98 27.70 -5.89
N CYS A 509 -12.26 27.16 -4.91
CA CYS A 509 -12.45 27.52 -3.51
C CYS A 509 -11.68 28.81 -3.24
N GLY A 510 -12.39 29.93 -3.27
CA GLY A 510 -11.78 31.21 -3.03
C GLY A 510 -11.42 31.40 -1.56
N THR A 511 -10.87 32.57 -1.26
CA THR A 511 -10.44 32.84 0.11
C THR A 511 -11.57 32.77 1.13
N PRO A 512 -12.83 33.07 0.82
CA PRO A 512 -13.88 32.84 1.84
C PRO A 512 -14.21 31.37 2.02
N CYS A 513 -14.22 30.59 0.93
CA CYS A 513 -14.42 29.16 1.05
C CYS A 513 -13.30 28.51 1.85
N ARG A 514 -12.05 28.88 1.56
CA ARG A 514 -10.90 28.32 2.28
C ARG A 514 -11.09 28.46 3.79
N LEU A 515 -11.27 29.70 4.25
CA LEU A 515 -11.38 29.93 5.69
C LEU A 515 -12.61 29.24 6.26
N ALA A 516 -13.69 29.11 5.48
CA ALA A 516 -14.86 28.38 5.94
C ALA A 516 -14.55 26.89 6.10
N THR A 517 -13.89 26.29 5.11
CA THR A 517 -13.50 24.89 5.22
C THR A 517 -12.53 24.70 6.37
N LEU A 518 -11.49 25.54 6.45
CA LEU A 518 -10.52 25.42 7.53
C LEU A 518 -11.18 25.61 8.89
N CYS A 519 -12.22 26.45 8.96
CA CYS A 519 -12.92 26.64 10.23
C CYS A 519 -13.69 25.40 10.64
N ALA A 520 -14.13 24.58 9.66
CA ALA A 520 -14.77 23.32 10.00
C ALA A 520 -13.79 22.35 10.61
N GLN A 521 -12.53 22.37 10.14
CA GLN A 521 -11.52 21.48 10.68
C GLN A 521 -11.20 21.77 12.14
N LEU A 522 -11.50 22.99 12.60
CA LEU A 522 -11.20 23.39 13.97
C LEU A 522 -12.42 23.37 14.88
N SER A 523 -13.59 23.05 14.33
CA SER A 523 -14.85 23.15 15.07
C SER A 523 -15.41 21.75 15.27
N ALA A 524 -14.88 21.04 16.27
CA ALA A 524 -15.47 19.79 16.71
C ALA A 524 -16.63 20.01 17.67
N ARG A 525 -16.90 21.26 18.06
CA ARG A 525 -18.00 21.62 18.93
C ARG A 525 -18.95 22.52 18.16
N ALA A 526 -20.23 22.18 18.17
CA ALA A 526 -21.22 22.96 17.44
C ALA A 526 -21.48 24.29 18.14
N ASP A 527 -21.56 25.36 17.35
CA ASP A 527 -21.88 26.70 17.85
C ASP A 527 -20.78 27.20 18.79
N SER A 528 -19.57 27.33 18.25
CA SER A 528 -18.42 27.80 19.01
C SER A 528 -17.53 28.63 18.10
N PRO A 529 -17.93 29.85 17.79
CA PRO A 529 -17.10 30.69 16.90
C PRO A 529 -15.71 30.98 17.46
N ALA A 530 -15.50 30.83 18.77
CA ALA A 530 -14.19 31.10 19.34
C ALA A 530 -13.13 30.12 18.85
N LEU A 531 -13.53 29.00 18.24
CA LEU A 531 -12.57 28.02 17.77
C LEU A 531 -11.89 28.43 16.47
N CYS A 532 -12.42 29.42 15.76
CA CYS A 532 -11.87 29.87 14.50
C CYS A 532 -11.38 31.32 14.60
N ARG A 533 -11.00 31.74 15.81
CA ARG A 533 -10.56 33.12 16.03
C ARG A 533 -9.20 33.41 15.41
N HIS A 534 -8.42 32.38 15.08
CA HIS A 534 -7.10 32.56 14.51
C HIS A 534 -7.09 32.40 12.99
N LEU A 535 -8.24 32.52 12.34
CA LEU A 535 -8.33 32.38 10.89
C LEU A 535 -8.49 33.70 10.16
N MET A 536 -8.50 34.82 10.88
CA MET A 536 -8.53 36.13 10.22
C MET A 536 -8.37 37.24 11.25
N LYS B 9 39.86 -28.35 -35.63
CA LYS B 9 39.39 -27.66 -36.83
C LYS B 9 39.92 -26.23 -36.85
N LEU B 10 39.51 -25.42 -35.87
CA LEU B 10 39.96 -24.05 -35.77
C LEU B 10 41.38 -23.99 -35.21
N ASN B 11 42.24 -23.23 -35.87
CA ASN B 11 43.61 -23.02 -35.38
C ASN B 11 43.62 -21.85 -34.39
N LEU B 12 42.89 -22.05 -33.30
CA LEU B 12 42.68 -21.03 -32.28
C LEU B 12 42.98 -21.63 -30.91
N THR B 13 44.02 -21.13 -30.25
CA THR B 13 44.38 -21.63 -28.94
C THR B 13 43.30 -21.28 -27.92
N CYS B 14 43.28 -22.02 -26.81
CA CYS B 14 42.29 -21.75 -25.78
C CYS B 14 42.44 -20.36 -25.17
N PRO B 15 43.65 -19.87 -24.86
CA PRO B 15 43.76 -18.47 -24.42
C PRO B 15 43.37 -17.48 -25.49
N ALA B 16 43.74 -17.74 -26.75
CA ALA B 16 43.35 -16.85 -27.83
C ALA B 16 41.83 -16.70 -27.89
N CYS B 17 41.10 -17.79 -27.71
CA CYS B 17 39.64 -17.72 -27.77
C CYS B 17 39.07 -16.91 -26.62
N LYS B 18 39.68 -17.01 -25.44
CA LYS B 18 39.18 -16.25 -24.29
C LYS B 18 39.36 -14.75 -24.48
N VAL B 19 40.40 -14.34 -25.22
CA VAL B 19 40.56 -12.92 -25.53
C VAL B 19 39.42 -12.43 -26.41
N LEU B 20 39.02 -13.25 -27.39
CA LEU B 20 37.90 -12.88 -28.26
C LEU B 20 36.61 -12.75 -27.45
N PHE B 21 36.21 -13.84 -26.78
CA PHE B 21 34.93 -13.84 -26.07
C PHE B 21 34.88 -12.74 -25.01
N THR B 22 36.00 -12.51 -24.31
CA THR B 22 36.05 -11.42 -23.35
C THR B 22 35.89 -10.07 -24.04
N ALA B 23 36.72 -9.81 -25.05
CA ALA B 23 36.61 -8.57 -25.80
C ALA B 23 35.23 -8.41 -26.43
N LEU B 24 34.61 -9.53 -26.81
CA LEU B 24 33.26 -9.47 -27.35
C LEU B 24 32.24 -9.23 -26.25
N ASN B 25 32.30 -10.04 -25.18
CA ASN B 25 31.25 -10.04 -24.18
C ASN B 25 31.20 -8.72 -23.42
N HIS B 26 32.35 -8.21 -22.99
CA HIS B 26 32.36 -6.94 -22.26
C HIS B 26 31.80 -5.80 -23.10
N GLY B 27 31.78 -5.93 -24.42
CA GLY B 27 31.08 -4.99 -25.26
C GLY B 27 29.58 -5.25 -25.35
N LEU B 28 29.14 -6.49 -25.12
CA LEU B 28 27.74 -6.84 -25.25
C LEU B 28 26.85 -6.20 -24.20
N LYS B 29 27.43 -5.56 -23.17
CA LYS B 29 26.61 -4.98 -22.12
C LYS B 29 25.69 -3.89 -22.67
N LYS B 30 26.28 -2.87 -23.29
CA LYS B 30 25.49 -1.78 -23.88
C LYS B 30 26.08 -1.22 -25.16
N GLU B 31 27.22 -1.73 -25.64
CA GLU B 31 27.82 -1.20 -26.85
C GLU B 31 26.86 -1.37 -28.03
N PRO B 32 26.95 -0.48 -29.04
CA PRO B 32 26.12 -0.64 -30.24
C PRO B 32 26.16 -2.07 -30.79
N ASN B 33 25.16 -2.41 -31.59
CA ASN B 33 24.87 -3.81 -31.88
C ASN B 33 25.73 -4.36 -33.02
N VAL B 34 25.77 -5.69 -33.08
CA VAL B 34 26.33 -6.46 -34.19
C VAL B 34 27.84 -6.23 -34.29
N ALA B 35 28.31 -5.89 -35.50
CA ALA B 35 29.73 -6.02 -35.81
C ALA B 35 30.59 -5.17 -34.89
N ARG B 36 30.14 -3.96 -34.56
CA ARG B 36 30.93 -3.02 -33.76
C ARG B 36 31.59 -3.73 -32.60
N VAL B 37 30.91 -4.72 -32.01
CA VAL B 37 31.54 -5.56 -31.00
C VAL B 37 32.52 -6.53 -31.66
N GLY B 38 32.14 -7.10 -32.80
CA GLY B 38 32.98 -8.04 -33.50
C GLY B 38 34.10 -7.39 -34.29
N SER B 39 33.81 -6.24 -34.90
CA SER B 39 34.84 -5.52 -35.65
C SER B 39 36.03 -5.18 -34.77
N VAL B 40 35.78 -4.62 -33.59
CA VAL B 40 36.87 -4.29 -32.67
C VAL B 40 37.62 -5.55 -32.26
N ALA B 41 36.89 -6.60 -31.87
CA ALA B 41 37.52 -7.84 -31.46
C ALA B 41 38.45 -8.37 -32.54
N ILE B 42 37.98 -8.38 -33.78
CA ILE B 42 38.83 -8.80 -34.90
C ILE B 42 40.04 -7.89 -35.00
N LYS B 43 39.83 -6.58 -34.92
CA LYS B 43 40.94 -5.64 -34.94
C LYS B 43 41.90 -5.90 -33.78
N ILE B 44 41.38 -6.31 -32.63
CA ILE B 44 42.25 -6.66 -31.50
C ILE B 44 42.94 -7.99 -31.77
N CYS B 45 42.18 -8.99 -32.23
CA CYS B 45 42.77 -10.28 -32.55
C CYS B 45 43.94 -10.14 -33.50
N LYS B 46 43.83 -9.26 -34.50
CA LYS B 46 44.93 -9.00 -35.41
C LYS B 46 46.01 -8.13 -34.75
N MET B 47 45.60 -7.10 -34.01
CA MET B 47 46.57 -6.14 -33.47
C MET B 47 47.62 -6.83 -32.61
N LEU B 48 47.24 -7.88 -31.88
CA LEU B 48 48.17 -8.56 -30.98
C LEU B 48 48.64 -9.89 -31.54
N ASN B 49 48.48 -10.13 -32.84
CA ASN B 49 49.03 -11.33 -33.48
C ASN B 49 48.63 -12.58 -32.69
N ILE B 50 47.41 -12.57 -32.17
CA ILE B 50 46.94 -13.64 -31.28
C ILE B 50 46.59 -14.90 -32.06
N ALA B 51 46.22 -14.76 -33.33
CA ALA B 51 45.79 -15.88 -34.15
C ALA B 51 45.80 -15.43 -35.61
N PRO B 52 45.87 -16.37 -36.55
CA PRO B 52 45.85 -15.98 -37.96
C PRO B 52 44.57 -15.22 -38.29
N LEU B 53 44.68 -14.26 -39.20
CA LEU B 53 43.58 -13.34 -39.46
C LEU B 53 42.31 -14.09 -39.86
N ASP B 54 42.44 -15.15 -40.66
CA ASP B 54 41.27 -15.89 -41.08
C ASP B 54 40.57 -16.55 -39.90
N VAL B 55 41.32 -16.97 -38.89
CA VAL B 55 40.72 -17.60 -37.72
C VAL B 55 39.95 -16.56 -36.90
N CYS B 56 40.55 -15.39 -36.68
CA CYS B 56 39.86 -14.33 -35.93
C CYS B 56 38.47 -14.08 -36.51
N GLN B 57 38.39 -13.82 -37.81
CA GLN B 57 37.11 -13.52 -38.44
C GLN B 57 36.13 -14.67 -38.27
N SER B 58 36.59 -15.91 -38.47
CA SER B 58 35.69 -17.05 -38.38
C SER B 58 35.22 -17.27 -36.95
N ALA B 59 36.14 -17.20 -35.98
CA ALA B 59 35.77 -17.44 -34.58
C ALA B 59 34.72 -16.45 -34.12
N VAL B 60 34.88 -15.16 -34.47
CA VAL B 60 33.90 -14.16 -34.08
C VAL B 60 32.56 -14.43 -34.74
N HIS B 61 32.59 -14.86 -36.00
CA HIS B 61 31.35 -15.17 -36.71
C HIS B 61 30.63 -16.38 -36.13
N LEU B 62 31.29 -17.18 -35.30
CA LEU B 62 30.63 -18.22 -34.55
C LEU B 62 30.21 -17.78 -33.15
N PHE B 63 30.68 -16.61 -32.71
CA PHE B 63 30.30 -16.05 -31.41
C PHE B 63 29.17 -15.03 -31.52
N GLU B 64 29.06 -14.32 -32.63
CA GLU B 64 28.19 -13.15 -32.72
C GLU B 64 27.19 -13.17 -33.88
N ASP B 65 27.21 -14.21 -34.72
CA ASP B 65 26.30 -14.22 -35.87
C ASP B 65 24.87 -14.43 -35.44
N ASP B 66 24.61 -15.41 -34.58
CA ASP B 66 23.26 -15.68 -34.07
C ASP B 66 23.10 -14.88 -32.78
N VAL B 67 22.42 -13.74 -32.87
CA VAL B 67 22.25 -12.88 -31.70
C VAL B 67 21.55 -13.63 -30.57
N VAL B 68 20.70 -14.60 -30.90
CA VAL B 68 19.98 -15.34 -29.87
C VAL B 68 20.95 -16.08 -28.97
N GLU B 69 22.05 -16.58 -29.54
CA GLU B 69 23.07 -17.25 -28.74
C GLU B 69 23.97 -16.26 -28.01
N VAL B 70 24.19 -15.08 -28.60
CA VAL B 70 24.94 -14.05 -27.91
C VAL B 70 24.28 -13.69 -26.60
N TRP B 71 22.94 -13.66 -26.58
CA TRP B 71 22.20 -13.35 -25.37
C TRP B 71 22.40 -14.42 -24.30
N THR B 72 22.37 -15.69 -24.70
CA THR B 72 22.44 -16.79 -23.75
C THR B 72 23.87 -17.20 -23.42
N ARG B 73 24.84 -16.87 -24.28
CA ARG B 73 26.25 -17.08 -23.93
C ARG B 73 26.78 -16.00 -23.00
N SER B 74 26.02 -14.93 -22.77
CA SER B 74 26.56 -13.76 -22.08
C SER B 74 26.94 -14.08 -20.64
N VAL B 75 26.12 -14.89 -19.96
CA VAL B 75 26.39 -15.19 -18.56
C VAL B 75 27.59 -16.13 -18.41
N LEU B 76 27.92 -16.89 -19.44
CA LEU B 76 29.02 -17.84 -19.36
C LEU B 76 30.34 -17.12 -19.13
N SER B 77 31.28 -17.84 -18.54
CA SER B 77 32.67 -17.38 -18.45
C SER B 77 33.37 -17.69 -19.77
N PRO B 78 34.47 -16.99 -20.05
CA PRO B 78 35.21 -17.30 -21.29
C PRO B 78 35.64 -18.75 -21.39
N SER B 79 35.87 -19.41 -20.25
CA SER B 79 36.25 -20.81 -20.27
C SER B 79 35.12 -21.68 -20.80
N GLU B 80 33.89 -21.46 -20.29
CA GLU B 80 32.74 -22.22 -20.77
C GLU B 80 32.47 -21.95 -22.24
N ALA B 81 32.47 -20.67 -22.63
CA ALA B 81 32.18 -20.31 -24.02
C ALA B 81 33.17 -20.97 -24.97
N CYS B 82 34.47 -20.86 -24.67
CA CYS B 82 35.48 -21.49 -25.50
C CYS B 82 35.44 -23.02 -25.38
N GLY B 83 34.92 -23.55 -24.27
CA GLY B 83 34.70 -24.97 -24.15
C GLY B 83 33.67 -25.51 -25.11
N LEU B 84 32.75 -24.66 -25.58
CA LEU B 84 31.75 -25.06 -26.57
C LEU B 84 32.16 -24.72 -27.99
N LEU B 85 33.20 -23.91 -28.17
CA LEU B 85 33.71 -23.56 -29.50
C LEU B 85 34.94 -24.35 -29.89
N LEU B 86 35.85 -24.60 -28.95
CA LEU B 86 37.12 -25.25 -29.25
C LEU B 86 37.15 -26.72 -28.85
N GLY B 87 36.52 -27.09 -27.73
CA GLY B 87 36.44 -28.47 -27.31
C GLY B 87 36.69 -28.60 -25.83
N SER B 88 36.95 -29.84 -25.41
CA SER B 88 37.21 -30.13 -24.01
C SER B 88 38.58 -29.67 -23.54
N SER B 89 39.43 -29.19 -24.46
CA SER B 89 40.75 -28.70 -24.08
C SER B 89 40.71 -27.38 -23.34
N CYS B 90 39.55 -26.74 -23.23
CA CYS B 90 39.42 -25.46 -22.56
C CYS B 90 38.85 -25.58 -21.15
N GLY B 91 38.35 -26.75 -20.76
CA GLY B 91 37.84 -26.92 -19.41
C GLY B 91 38.92 -26.72 -18.36
N HIS B 92 38.47 -26.39 -17.15
CA HIS B 92 39.37 -26.12 -16.03
C HIS B 92 38.88 -26.90 -14.81
N TRP B 93 39.50 -28.04 -14.56
CA TRP B 93 39.14 -28.90 -13.42
C TRP B 93 37.77 -29.53 -13.63
N ASP B 94 36.88 -29.43 -12.65
CA ASP B 94 35.61 -30.14 -12.67
C ASP B 94 34.38 -29.23 -12.67
N ILE B 95 34.55 -27.91 -12.69
CA ILE B 95 33.41 -27.01 -12.60
C ILE B 95 32.47 -27.23 -13.79
N PHE B 96 33.04 -27.31 -15.00
CA PHE B 96 32.24 -27.34 -16.22
C PHE B 96 31.83 -28.74 -16.64
N SER B 97 31.70 -29.66 -15.69
CA SER B 97 31.30 -31.02 -16.00
C SER B 97 29.78 -31.16 -15.95
N THR B 98 29.27 -32.18 -16.64
CA THR B 98 27.85 -32.47 -16.69
C THR B 98 27.52 -33.63 -15.75
N TRP B 99 26.37 -33.53 -15.09
CA TRP B 99 25.91 -34.57 -14.19
C TRP B 99 24.39 -34.54 -14.16
N ASN B 100 23.80 -35.57 -13.54
CA ASN B 100 22.36 -35.77 -13.57
C ASN B 100 21.81 -35.96 -12.16
N ILE B 101 20.51 -35.74 -12.04
CA ILE B 101 19.77 -35.95 -10.80
C ILE B 101 18.72 -37.02 -11.05
N SER B 102 18.50 -37.88 -10.07
CA SER B 102 17.49 -38.93 -10.16
C SER B 102 16.20 -38.46 -9.51
N LEU B 103 15.10 -38.54 -10.24
CA LEU B 103 13.80 -38.18 -9.71
C LEU B 103 13.12 -39.40 -9.09
N PRO B 104 12.18 -39.19 -8.18
CA PRO B 104 11.49 -40.33 -7.55
C PRO B 104 10.64 -41.09 -8.55
N SER B 105 10.25 -42.30 -8.16
CA SER B 105 9.42 -43.16 -8.99
C SER B 105 7.93 -42.84 -8.87
N VAL B 106 7.58 -41.73 -8.25
CA VAL B 106 6.17 -41.38 -8.07
C VAL B 106 5.64 -40.76 -9.36
N PRO B 107 4.49 -41.17 -9.86
CA PRO B 107 3.93 -40.54 -11.07
C PRO B 107 3.58 -39.09 -10.82
N LYS B 108 3.91 -38.25 -11.79
CA LYS B 108 3.58 -36.83 -11.72
C LYS B 108 2.06 -36.67 -11.72
N PRO B 109 1.47 -36.11 -10.66
CA PRO B 109 0.00 -36.03 -10.60
C PRO B 109 -0.53 -35.15 -11.72
N PRO B 110 -1.81 -35.30 -12.08
CA PRO B 110 -2.36 -34.51 -13.18
C PRO B 110 -2.36 -33.03 -12.86
N PRO B 111 -2.53 -32.17 -13.86
CA PRO B 111 -2.47 -30.73 -13.62
C PRO B 111 -3.62 -30.27 -12.74
N LYS B 112 -3.27 -29.60 -11.63
CA LYS B 112 -4.23 -29.00 -10.71
C LYS B 112 -3.88 -27.53 -10.58
N PRO B 113 -4.45 -26.65 -11.43
CA PRO B 113 -4.01 -25.26 -11.43
C PRO B 113 -4.45 -24.54 -10.18
N PRO B 114 -3.66 -23.56 -9.70
CA PRO B 114 -4.10 -22.77 -8.54
C PRO B 114 -5.35 -21.96 -8.86
N SER B 115 -6.40 -22.18 -8.07
CA SER B 115 -7.65 -21.48 -8.28
C SER B 115 -7.55 -20.04 -7.77
N PRO B 116 -8.26 -19.10 -8.38
CA PRO B 116 -8.29 -17.73 -7.86
C PRO B 116 -8.89 -17.70 -6.46
N PRO B 117 -8.33 -16.90 -5.55
CA PRO B 117 -8.82 -16.91 -4.17
C PRO B 117 -10.30 -16.55 -4.09
N ALA B 118 -11.03 -17.32 -3.30
CA ALA B 118 -12.47 -17.12 -3.15
C ALA B 118 -12.74 -15.83 -2.36
N PRO B 119 -13.98 -15.35 -2.41
CA PRO B 119 -14.32 -14.13 -1.66
C PRO B 119 -14.08 -14.30 -0.16
N GLY B 120 -13.40 -13.33 0.43
CA GLY B 120 -13.10 -13.37 1.85
C GLY B 120 -11.80 -14.06 2.20
N ALA B 121 -11.20 -14.79 1.27
CA ALA B 121 -9.94 -15.45 1.54
C ALA B 121 -8.91 -14.41 1.99
N PRO B 122 -8.22 -14.61 3.11
CA PRO B 122 -7.27 -13.60 3.58
C PRO B 122 -6.05 -13.53 2.68
N VAL B 123 -5.41 -12.36 2.72
CA VAL B 123 -4.17 -12.11 2.00
C VAL B 123 -3.06 -11.98 3.03
N SER B 124 -1.88 -12.47 2.67
CA SER B 124 -0.69 -12.37 3.52
C SER B 124 0.34 -11.48 2.85
N ARG B 125 1.01 -10.65 3.64
CA ARG B 125 2.08 -9.79 3.15
C ARG B 125 3.41 -10.33 3.64
N VAL B 126 4.34 -10.53 2.72
CA VAL B 126 5.68 -11.03 3.02
C VAL B 126 6.66 -9.96 2.57
N LEU B 127 7.35 -9.35 3.53
CA LEU B 127 8.46 -8.47 3.20
C LEU B 127 9.59 -9.30 2.62
N PHE B 128 10.26 -8.75 1.61
CA PHE B 128 11.39 -9.43 0.96
C PHE B 128 12.59 -8.50 0.96
N LEU B 129 13.66 -8.94 1.60
CA LEU B 129 14.90 -8.18 1.70
C LEU B 129 16.03 -8.97 1.03
N THR B 130 16.91 -8.26 0.34
CA THR B 130 18.01 -8.90 -0.37
C THR B 130 19.07 -7.88 -0.69
N ASP B 131 20.33 -8.32 -0.67
CA ASP B 131 21.46 -7.50 -1.09
C ASP B 131 21.48 -6.18 -0.32
N LEU B 132 21.58 -6.30 1.01
CA LEU B 132 21.66 -5.11 1.83
C LEU B 132 23.03 -4.45 1.71
N HIS B 133 24.10 -5.25 1.66
CA HIS B 133 25.45 -4.77 1.41
C HIS B 133 25.78 -3.58 2.31
N TRP B 134 25.90 -3.87 3.60
CA TRP B 134 26.32 -2.86 4.56
C TRP B 134 27.81 -2.60 4.40
N ASP B 135 28.16 -1.34 4.12
CA ASP B 135 29.56 -0.91 4.04
C ASP B 135 29.85 -0.10 5.29
N HIS B 136 30.53 -0.73 6.26
CA HIS B 136 30.83 -0.06 7.52
C HIS B 136 31.77 1.13 7.34
N GLU B 137 32.44 1.24 6.19
CA GLU B 137 33.36 2.33 5.93
C GLU B 137 32.72 3.47 5.14
N TYR B 138 31.42 3.41 4.89
CA TYR B 138 30.78 4.48 4.14
C TYR B 138 30.95 5.81 4.87
N LEU B 139 31.20 6.87 4.10
CA LEU B 139 31.40 8.20 4.67
C LEU B 139 30.91 9.24 3.69
N GLU B 140 29.93 10.03 4.12
CA GLU B 140 29.46 11.15 3.31
C GLU B 140 30.63 12.05 2.90
N GLY B 141 30.50 12.69 1.75
CA GLY B 141 31.47 13.66 1.29
C GLY B 141 32.65 13.08 0.54
N THR B 142 32.82 11.76 0.53
CA THR B 142 33.98 11.17 -0.12
C THR B 142 33.73 10.99 -1.62
N ASP B 143 34.78 10.64 -2.33
CA ASP B 143 34.73 10.53 -3.78
C ASP B 143 33.86 9.35 -4.20
N PRO B 144 32.74 9.55 -4.90
CA PRO B 144 31.97 8.40 -5.39
C PRO B 144 32.62 7.69 -6.57
N TYR B 145 33.48 8.37 -7.32
CA TYR B 145 34.03 7.83 -8.54
C TYR B 145 35.53 7.56 -8.37
N CYS B 146 35.89 6.94 -7.26
CA CYS B 146 37.29 6.64 -6.95
C CYS B 146 37.79 5.52 -7.87
N ALA B 147 39.07 5.18 -7.71
CA ALA B 147 39.70 4.16 -8.54
C ALA B 147 39.43 2.75 -8.04
N ASP B 148 39.02 2.58 -6.79
CA ASP B 148 38.76 1.27 -6.24
C ASP B 148 37.44 0.72 -6.76
N PRO B 149 37.19 -0.59 -6.59
CA PRO B 149 35.89 -1.13 -7.00
C PRO B 149 34.73 -0.63 -6.16
N LEU B 150 34.98 -0.20 -4.92
CA LEU B 150 33.94 0.32 -4.03
C LEU B 150 34.39 1.67 -3.52
N CYS B 151 33.51 2.68 -3.64
CA CYS B 151 33.87 4.04 -3.27
C CYS B 151 32.92 4.58 -2.19
N CYS B 152 32.86 5.90 -2.04
CA CYS B 152 32.04 6.54 -1.00
C CYS B 152 32.46 6.10 0.40
N ARG B 153 33.75 5.88 0.60
CA ARG B 153 34.20 5.27 1.85
C ARG B 153 35.59 5.75 2.20
N ARG B 154 35.98 5.52 3.45
CA ARG B 154 37.37 5.70 3.88
C ARG B 154 38.30 4.97 2.93
N GLY B 155 39.27 5.70 2.39
CA GLY B 155 40.12 5.18 1.35
C GLY B 155 39.73 5.62 -0.04
N SER B 156 38.55 6.23 -0.19
CA SER B 156 38.18 6.87 -1.44
C SER B 156 38.68 8.31 -1.52
N GLY B 157 39.00 8.93 -0.39
CA GLY B 157 39.41 10.31 -0.38
C GLY B 157 38.27 11.24 -0.77
N TRP B 158 38.60 12.51 -0.89
CA TRP B 158 37.63 13.50 -1.33
C TRP B 158 37.66 13.62 -2.85
N PRO B 159 36.57 14.10 -3.45
CA PRO B 159 36.55 14.23 -4.90
C PRO B 159 37.51 15.31 -5.35
N PRO B 160 38.14 15.15 -6.52
CA PRO B 160 39.08 16.18 -6.99
C PRO B 160 38.37 17.46 -7.39
N ASN B 161 39.11 18.57 -7.29
CA ASN B 161 38.70 19.89 -7.76
C ASN B 161 37.23 20.18 -7.45
N SER B 162 36.93 20.15 -6.15
CA SER B 162 35.62 20.57 -5.62
C SER B 162 34.48 19.99 -6.44
N GLN B 163 34.30 18.68 -6.29
CA GLN B 163 33.18 17.95 -6.88
C GLN B 163 32.22 17.53 -5.77
N LYS B 164 31.07 17.00 -6.19
CA LYS B 164 30.07 16.56 -5.22
C LYS B 164 30.52 15.26 -4.57
N GLY B 165 30.60 15.27 -3.24
CA GLY B 165 30.93 14.07 -2.50
C GLY B 165 29.74 13.13 -2.39
N ALA B 166 29.98 12.02 -1.70
CA ALA B 166 28.94 11.00 -1.54
C ALA B 166 27.79 11.54 -0.69
N GLY B 167 26.57 11.30 -1.14
CA GLY B 167 25.40 11.73 -0.40
C GLY B 167 25.38 11.17 1.01
N PHE B 168 24.48 11.72 1.83
CA PHE B 168 24.41 11.33 3.23
C PHE B 168 23.80 9.94 3.38
N TRP B 169 22.79 9.61 2.58
CA TRP B 169 22.08 8.34 2.67
C TRP B 169 22.55 7.32 1.65
N GLY B 170 23.62 7.62 0.92
CA GLY B 170 24.07 6.80 -0.20
C GLY B 170 24.29 7.65 -1.44
N GLU B 171 24.86 7.00 -2.45
CA GLU B 171 25.19 7.70 -3.68
C GLU B 171 24.86 6.84 -4.90
N TYR B 172 24.60 7.53 -6.01
CA TYR B 172 24.39 6.89 -7.32
C TYR B 172 25.75 6.57 -7.93
N SER B 173 26.31 5.43 -7.53
CA SER B 173 27.59 4.99 -8.07
C SER B 173 27.93 3.59 -7.59
N LYS B 174 29.19 3.19 -7.74
CA LYS B 174 29.66 1.89 -7.24
C LYS B 174 29.92 2.00 -5.74
N CYS B 175 28.82 2.22 -5.02
CA CYS B 175 28.86 2.46 -3.59
C CYS B 175 27.77 1.65 -2.90
N ASP B 176 28.08 1.15 -1.71
CA ASP B 176 27.14 0.41 -0.89
C ASP B 176 26.57 1.34 0.18
N LEU B 177 25.92 0.78 1.22
CA LEU B 177 25.09 1.60 2.08
C LEU B 177 25.64 1.73 3.49
N PRO B 178 25.51 2.90 4.11
CA PRO B 178 25.80 3.02 5.55
C PRO B 178 24.66 2.48 6.38
N LEU B 179 24.99 2.10 7.61
CA LEU B 179 23.99 1.50 8.49
C LEU B 179 22.76 2.39 8.66
N ARG B 180 22.95 3.71 8.62
CA ARG B 180 21.83 4.61 8.85
C ARG B 180 20.77 4.50 7.77
N THR B 181 21.16 4.16 6.54
CA THR B 181 20.17 3.97 5.48
C THR B 181 19.43 2.66 5.66
N LEU B 182 20.11 1.62 6.13
CA LEU B 182 19.42 0.36 6.42
C LEU B 182 18.52 0.50 7.64
N GLU B 183 18.89 1.34 8.60
CA GLU B 183 18.01 1.60 9.73
C GLU B 183 16.75 2.33 9.27
N SER B 184 16.92 3.39 8.47
CA SER B 184 15.76 4.11 7.93
C SER B 184 14.86 3.19 7.14
N LEU B 185 15.43 2.21 6.44
CA LEU B 185 14.62 1.26 5.67
C LEU B 185 13.65 0.51 6.59
N LEU B 186 14.16 -0.06 7.67
CA LEU B 186 13.31 -0.82 8.57
C LEU B 186 12.34 0.10 9.32
N LYS B 187 12.80 1.31 9.67
CA LYS B 187 11.92 2.24 10.36
C LYS B 187 10.71 2.61 9.51
N GLY B 188 10.89 2.68 8.19
CA GLY B 188 9.84 3.13 7.30
C GLY B 188 8.90 2.06 6.81
N LEU B 189 8.98 0.84 7.34
CA LEU B 189 8.14 -0.26 6.88
C LEU B 189 6.68 -0.11 7.26
N GLY B 190 6.29 0.99 7.93
CA GLY B 190 4.95 1.17 8.41
C GLY B 190 3.88 0.87 7.38
N PRO B 191 3.74 1.75 6.38
CA PRO B 191 2.70 1.54 5.37
C PRO B 191 2.92 0.32 4.48
N ALA B 192 4.12 -0.27 4.50
CA ALA B 192 4.39 -1.46 3.72
C ALA B 192 3.85 -2.73 4.38
N GLY B 193 3.70 -2.71 5.69
CA GLY B 193 3.25 -3.88 6.42
C GLY B 193 1.79 -3.77 6.86
N PRO B 194 1.38 -4.61 7.83
CA PRO B 194 2.23 -5.52 8.59
C PRO B 194 2.61 -6.78 7.79
N PHE B 195 3.65 -7.48 8.23
CA PHE B 195 4.15 -8.66 7.56
C PHE B 195 3.95 -9.89 8.43
N GLU B 196 3.57 -11.00 7.80
CA GLU B 196 3.46 -12.26 8.51
C GLU B 196 4.78 -13.01 8.55
N MET B 197 5.66 -12.77 7.58
CA MET B 197 7.00 -13.34 7.58
C MET B 197 7.85 -12.54 6.61
N VAL B 198 9.17 -12.71 6.74
CA VAL B 198 10.14 -12.00 5.92
C VAL B 198 11.06 -13.01 5.26
N TYR B 199 11.40 -12.77 3.99
CA TYR B 199 12.41 -13.55 3.29
C TYR B 199 13.61 -12.65 3.05
N TRP B 200 14.78 -13.12 3.46
CA TRP B 200 16.01 -12.32 3.47
C TRP B 200 17.10 -13.11 2.76
N THR B 201 17.26 -12.87 1.45
CA THR B 201 18.11 -13.72 0.62
C THR B 201 19.56 -13.25 0.56
N GLY B 202 20.09 -12.69 1.65
CA GLY B 202 21.52 -12.61 1.84
C GLY B 202 22.23 -11.44 1.17
N ASP B 203 23.55 -11.57 1.11
CA ASP B 203 24.47 -10.54 0.63
C ASP B 203 24.49 -9.36 1.60
N ILE B 204 25.10 -9.56 2.77
CA ILE B 204 25.09 -8.59 3.85
C ILE B 204 26.33 -7.70 3.78
N PRO B 205 27.53 -8.25 3.63
CA PRO B 205 28.72 -7.38 3.57
C PRO B 205 28.77 -6.57 2.28
N ALA B 206 29.63 -5.56 2.30
CA ALA B 206 29.82 -4.69 1.14
C ALA B 206 30.70 -5.40 0.12
N HIS B 207 31.12 -4.67 -0.92
CA HIS B 207 31.96 -5.22 -1.98
C HIS B 207 33.44 -4.92 -1.76
N ASP B 208 33.85 -4.60 -0.53
CA ASP B 208 35.26 -4.36 -0.23
C ASP B 208 35.99 -5.69 -0.08
N VAL B 209 35.88 -6.54 -1.11
CA VAL B 209 36.33 -7.92 -1.01
C VAL B 209 37.84 -8.07 -0.88
N TRP B 210 38.61 -7.02 -1.14
CA TRP B 210 40.06 -7.11 -1.03
C TRP B 210 40.56 -6.91 0.39
N GLN B 211 39.68 -6.63 1.34
CA GLN B 211 40.08 -6.41 2.73
C GLN B 211 38.90 -6.77 3.64
N GLN B 212 38.53 -8.05 3.62
CA GLN B 212 37.44 -8.57 4.44
C GLN B 212 37.98 -9.76 5.24
N SER B 213 38.27 -9.53 6.52
CA SER B 213 38.60 -10.62 7.41
C SER B 213 37.32 -11.35 7.83
N ARG B 214 37.50 -12.58 8.30
CA ARG B 214 36.35 -13.34 8.80
C ARG B 214 35.64 -12.60 9.92
N GLN B 215 36.38 -11.80 10.69
CA GLN B 215 35.77 -11.03 11.77
C GLN B 215 34.88 -9.91 11.21
N ASP B 216 35.30 -9.29 10.11
CA ASP B 216 34.47 -8.27 9.47
C ASP B 216 33.20 -8.88 8.91
N GLN B 217 33.28 -10.11 8.38
CA GLN B 217 32.11 -10.75 7.80
C GLN B 217 31.10 -11.14 8.88
N LEU B 218 31.58 -11.59 10.04
CA LEU B 218 30.68 -11.90 11.14
C LEU B 218 30.16 -10.63 11.81
N ARG B 219 30.95 -9.56 11.83
CA ARG B 219 30.45 -8.28 12.31
C ARG B 219 29.24 -7.85 11.49
N ALA B 220 29.28 -8.07 10.18
CA ALA B 220 28.14 -7.73 9.33
C ALA B 220 26.96 -8.65 9.60
N LEU B 221 27.23 -9.94 9.81
CA LEU B 221 26.14 -10.90 10.04
C LEU B 221 25.37 -10.57 11.32
N THR B 222 26.09 -10.34 12.41
CA THR B 222 25.42 -10.08 13.69
C THR B 222 24.79 -8.69 13.71
N THR B 223 25.51 -7.68 13.20
CA THR B 223 24.99 -6.32 13.22
C THR B 223 23.68 -6.21 12.45
N ILE B 224 23.65 -6.73 11.22
CA ILE B 224 22.46 -6.58 10.39
C ILE B 224 21.36 -7.52 10.85
N THR B 225 21.73 -8.73 11.30
CA THR B 225 20.72 -9.63 11.87
C THR B 225 20.04 -8.99 13.07
N ASP B 226 20.82 -8.54 14.04
CA ASP B 226 20.25 -7.88 15.21
C ASP B 226 19.39 -6.69 14.81
N LEU B 227 19.82 -5.94 13.79
CA LEU B 227 19.05 -4.79 13.35
C LEU B 227 17.71 -5.21 12.76
N VAL B 228 17.72 -6.25 11.92
CA VAL B 228 16.47 -6.75 11.35
C VAL B 228 15.56 -7.28 12.45
N ARG B 229 16.13 -8.08 13.36
CA ARG B 229 15.32 -8.66 14.43
C ARG B 229 14.80 -7.58 15.38
N LYS B 230 15.49 -6.44 15.46
CA LYS B 230 15.03 -5.35 16.31
C LYS B 230 13.76 -4.71 15.76
N PHE B 231 13.70 -4.47 14.45
CA PHE B 231 12.59 -3.75 13.85
C PHE B 231 11.49 -4.65 13.33
N LEU B 232 11.72 -5.96 13.25
CA LEU B 232 10.67 -6.90 12.86
C LEU B 232 10.01 -7.59 14.05
N GLY B 233 10.71 -7.69 15.18
CA GLY B 233 10.12 -8.17 16.40
C GLY B 233 9.69 -9.63 16.31
N PRO B 234 8.42 -9.92 16.63
CA PRO B 234 7.96 -11.32 16.60
C PRO B 234 7.93 -11.93 15.21
N VAL B 235 7.97 -11.13 14.15
CA VAL B 235 7.85 -11.68 12.80
C VAL B 235 9.09 -12.51 12.48
N PRO B 236 8.94 -13.78 12.06
CA PRO B 236 10.13 -14.55 11.71
C PRO B 236 10.72 -14.13 10.37
N VAL B 237 12.05 -14.10 10.32
CA VAL B 237 12.80 -13.80 9.11
C VAL B 237 13.47 -15.10 8.66
N TYR B 238 13.17 -15.53 7.45
CA TYR B 238 13.75 -16.76 6.90
C TYR B 238 14.80 -16.39 5.86
N PRO B 239 16.09 -16.46 6.18
CA PRO B 239 17.10 -15.96 5.24
C PRO B 239 17.78 -17.05 4.42
N ALA B 240 18.50 -16.63 3.39
CA ALA B 240 19.31 -17.51 2.57
C ALA B 240 20.75 -17.00 2.54
N VAL B 241 21.65 -17.86 2.09
CA VAL B 241 23.08 -17.56 2.10
C VAL B 241 23.46 -16.88 0.80
N GLY B 242 24.10 -15.71 0.91
CA GLY B 242 24.59 -14.99 -0.24
C GLY B 242 26.02 -15.37 -0.59
N ASN B 243 26.50 -14.82 -1.70
CA ASN B 243 27.85 -15.11 -2.17
C ASN B 243 28.90 -14.20 -1.54
N HIS B 244 28.50 -13.10 -0.92
CA HIS B 244 29.42 -12.19 -0.26
C HIS B 244 29.60 -12.49 1.22
N GLU B 245 28.86 -13.46 1.77
CA GLU B 245 28.91 -13.71 3.20
C GLU B 245 30.28 -14.20 3.64
N SER B 246 30.91 -15.05 2.84
CA SER B 246 32.18 -15.66 3.19
C SER B 246 33.34 -14.81 2.68
N THR B 247 34.53 -15.12 3.20
CA THR B 247 35.78 -14.54 2.68
C THR B 247 36.77 -15.68 2.44
N PRO B 248 37.37 -15.73 1.23
CA PRO B 248 37.19 -14.84 0.08
C PRO B 248 35.81 -14.96 -0.55
N VAL B 249 35.36 -13.89 -1.18
CA VAL B 249 34.02 -13.82 -1.76
C VAL B 249 33.80 -15.02 -2.66
N ASN B 250 32.55 -15.52 -2.70
CA ASN B 250 32.13 -16.57 -3.61
C ASN B 250 32.59 -17.96 -3.16
N GLY B 251 33.67 -18.02 -2.39
CA GLY B 251 34.21 -19.30 -1.97
C GLY B 251 33.37 -20.00 -0.93
N PHE B 252 32.76 -21.13 -1.32
CA PHE B 252 31.93 -21.92 -0.40
C PHE B 252 32.28 -23.38 -0.58
N PRO B 253 33.22 -23.90 0.21
CA PRO B 253 33.59 -25.32 0.09
C PRO B 253 32.43 -26.22 0.45
N PRO B 254 32.25 -27.34 -0.24
CA PRO B 254 31.22 -28.30 0.15
C PRO B 254 31.54 -28.89 1.52
N PRO B 255 30.58 -29.60 2.13
CA PRO B 255 30.81 -30.13 3.48
C PRO B 255 31.98 -31.09 3.59
N PHE B 256 32.24 -31.90 2.56
CA PHE B 256 33.29 -32.91 2.69
C PHE B 256 34.65 -32.30 3.02
N ILE B 257 34.86 -31.04 2.69
CA ILE B 257 36.09 -30.35 3.07
C ILE B 257 35.99 -29.99 4.56
N LYS B 258 37.00 -30.39 5.33
CA LYS B 258 36.98 -30.28 6.77
C LYS B 258 38.00 -29.27 7.27
N GLY B 259 37.75 -28.77 8.47
CA GLY B 259 38.74 -27.99 9.18
C GLY B 259 38.51 -26.49 9.10
N ASN B 260 39.58 -25.76 9.41
CA ASN B 260 39.53 -24.30 9.48
C ASN B 260 39.13 -23.66 8.16
N GLN B 261 39.37 -24.34 7.04
CA GLN B 261 39.08 -23.77 5.73
C GLN B 261 37.70 -24.15 5.21
N SER B 262 36.98 -25.01 5.92
CA SER B 262 35.56 -25.16 5.65
C SER B 262 34.82 -23.88 6.06
N SER B 263 33.57 -23.77 5.63
CA SER B 263 32.73 -22.63 5.96
C SER B 263 31.98 -22.83 7.28
N GLN B 264 32.56 -23.58 8.22
CA GLN B 264 31.91 -23.81 9.51
C GLN B 264 31.86 -22.53 10.33
N TRP B 265 32.94 -21.75 10.32
CA TRP B 265 32.95 -20.47 11.01
C TRP B 265 31.75 -19.61 10.61
N LEU B 266 31.31 -19.72 9.36
CA LEU B 266 30.17 -18.95 8.88
C LEU B 266 28.86 -19.63 9.22
N TYR B 267 28.70 -20.90 8.82
CA TYR B 267 27.43 -21.58 9.01
C TYR B 267 27.07 -21.70 10.48
N GLU B 268 28.06 -21.92 11.35
CA GLU B 268 27.77 -22.02 12.77
C GLU B 268 27.36 -20.66 13.34
N ALA B 269 28.01 -19.59 12.91
CA ALA B 269 27.61 -18.25 13.34
C ALA B 269 26.21 -17.91 12.84
N MET B 270 25.85 -18.41 11.65
CA MET B 270 24.50 -18.18 11.14
C MET B 270 23.48 -18.91 11.99
N ALA B 271 23.76 -20.16 12.38
CA ALA B 271 22.85 -20.90 13.24
C ALA B 271 22.66 -20.20 14.58
N LYS B 272 23.70 -19.52 15.08
CA LYS B 272 23.57 -18.78 16.34
C LYS B 272 22.79 -17.49 16.15
N ALA B 273 23.06 -16.75 15.07
CA ALA B 273 22.38 -15.48 14.86
C ALA B 273 20.92 -15.68 14.47
N TRP B 274 20.62 -16.74 13.73
CA TRP B 274 19.28 -16.98 13.20
C TRP B 274 18.50 -17.98 14.04
N GLU B 275 19.00 -18.33 15.22
CA GLU B 275 18.31 -19.29 16.07
C GLU B 275 16.91 -18.83 16.49
N PRO B 276 16.65 -17.55 16.77
CA PRO B 276 15.30 -17.14 17.17
C PRO B 276 14.25 -17.31 16.08
N TRP B 277 14.65 -17.56 14.84
CA TRP B 277 13.72 -17.70 13.72
C TRP B 277 13.55 -19.12 13.23
N LEU B 278 14.58 -19.95 13.32
CA LEU B 278 14.59 -21.26 12.71
C LEU B 278 14.43 -22.36 13.76
N PRO B 279 13.71 -23.44 13.45
CA PRO B 279 13.63 -24.56 14.40
C PRO B 279 14.92 -25.37 14.42
N ALA B 280 14.98 -26.37 15.30
CA ALA B 280 16.21 -27.14 15.45
C ALA B 280 16.58 -27.86 14.16
N ASP B 281 15.64 -28.60 13.58
CA ASP B 281 15.95 -29.38 12.38
C ASP B 281 16.46 -28.49 11.25
N ALA B 282 16.03 -27.22 11.22
CA ALA B 282 16.53 -26.31 10.19
C ALA B 282 17.97 -25.89 10.50
N LEU B 283 18.25 -25.55 11.76
CA LEU B 283 19.61 -25.19 12.14
C LEU B 283 20.57 -26.34 11.90
N HIS B 284 20.11 -27.58 12.03
CA HIS B 284 20.97 -28.74 11.83
C HIS B 284 21.58 -28.73 10.44
N THR B 285 20.73 -28.74 9.41
CA THR B 285 21.25 -28.71 8.04
C THR B 285 21.92 -27.39 7.71
N LEU B 286 21.51 -26.31 8.38
CA LEU B 286 22.14 -25.02 8.15
C LEU B 286 23.62 -25.05 8.52
N ARG B 287 23.94 -25.64 9.68
CA ARG B 287 25.32 -25.70 10.12
C ARG B 287 26.20 -26.53 9.17
N ILE B 288 25.60 -27.40 8.37
CA ILE B 288 26.33 -28.31 7.50
C ILE B 288 26.60 -27.64 6.16
N GLY B 289 25.53 -27.30 5.44
CA GLY B 289 25.66 -26.80 4.08
C GLY B 289 24.95 -25.48 3.83
N GLY B 290 24.52 -24.80 4.88
CA GLY B 290 23.95 -23.48 4.74
C GLY B 290 22.59 -23.44 4.08
N PHE B 291 21.85 -24.55 4.09
CA PHE B 291 20.50 -24.60 3.56
C PHE B 291 19.60 -25.30 4.57
N TYR B 292 18.30 -25.10 4.42
CA TYR B 292 17.35 -25.61 5.40
C TYR B 292 15.95 -25.59 4.81
N ALA B 293 15.04 -26.27 5.49
CA ALA B 293 13.64 -26.29 5.11
C ALA B 293 12.81 -26.42 6.38
N LEU B 294 11.65 -25.77 6.37
CA LEU B 294 10.75 -25.82 7.51
C LEU B 294 9.35 -25.45 7.06
N THR B 295 8.39 -25.61 7.97
CA THR B 295 7.00 -25.29 7.69
C THR B 295 6.65 -23.96 8.33
N PRO B 296 6.51 -22.86 7.59
CA PRO B 296 6.24 -21.57 8.23
C PRO B 296 4.79 -21.43 8.68
N ARG B 297 3.88 -22.14 7.99
CA ARG B 297 2.47 -22.11 8.34
C ARG B 297 1.80 -23.33 7.71
N PRO B 298 0.60 -23.69 8.17
CA PRO B 298 -0.02 -24.94 7.71
C PRO B 298 -0.18 -24.95 6.19
N GLY B 299 0.28 -26.05 5.58
CA GLY B 299 0.12 -26.27 4.17
C GLY B 299 1.26 -25.77 3.30
N LEU B 300 2.13 -24.92 3.85
CA LEU B 300 3.25 -24.37 3.10
C LEU B 300 4.56 -24.92 3.64
N ARG B 301 5.51 -25.17 2.73
CA ARG B 301 6.84 -25.63 3.08
C ARG B 301 7.85 -24.68 2.45
N LEU B 302 8.69 -24.06 3.27
CA LEU B 302 9.69 -23.11 2.79
C LEU B 302 11.03 -23.80 2.68
N ILE B 303 11.70 -23.62 1.55
CA ILE B 303 12.99 -24.24 1.28
C ILE B 303 13.99 -23.12 0.98
N SER B 304 15.00 -23.00 1.84
CA SER B 304 16.06 -22.02 1.68
C SER B 304 17.29 -22.72 1.12
N LEU B 305 17.70 -22.36 -0.09
CA LEU B 305 18.81 -22.99 -0.77
C LEU B 305 20.06 -22.13 -0.69
N ASN B 306 21.22 -22.81 -0.64
CA ASN B 306 22.52 -22.14 -0.69
C ASN B 306 23.00 -22.23 -2.13
N MET B 307 22.69 -21.19 -2.91
CA MET B 307 22.98 -21.18 -4.33
C MET B 307 24.46 -20.99 -4.63
N ASN B 308 25.31 -20.85 -3.61
CA ASN B 308 26.74 -20.79 -3.85
C ASN B 308 27.29 -22.11 -4.39
N PHE B 309 26.58 -23.21 -4.16
CA PHE B 309 26.98 -24.51 -4.72
C PHE B 309 26.58 -24.66 -6.18
N CYS B 310 26.04 -23.63 -6.80
CA CYS B 310 25.80 -23.60 -8.24
C CYS B 310 26.63 -22.54 -8.95
N SER B 311 27.31 -21.67 -8.21
CA SER B 311 27.93 -20.49 -8.78
C SER B 311 29.16 -20.84 -9.61
N ARG B 312 29.36 -20.10 -10.71
CA ARG B 312 30.61 -20.18 -11.45
C ARG B 312 31.77 -19.64 -10.63
N GLU B 313 31.52 -18.60 -9.83
CA GLU B 313 32.55 -17.95 -9.04
C GLU B 313 32.96 -18.78 -7.83
N ASN B 314 32.33 -19.92 -7.58
CA ASN B 314 32.68 -20.77 -6.44
C ASN B 314 33.84 -21.67 -6.85
N PHE B 315 35.05 -21.12 -6.74
CA PHE B 315 36.27 -21.83 -7.15
C PHE B 315 36.42 -23.18 -6.45
N TRP B 316 35.81 -23.37 -5.28
CA TRP B 316 35.92 -24.64 -4.60
C TRP B 316 35.32 -25.78 -5.41
N LEU B 317 34.46 -25.48 -6.38
CA LEU B 317 33.83 -26.52 -7.19
C LEU B 317 34.76 -27.08 -8.26
N LEU B 318 35.98 -26.56 -8.39
CA LEU B 318 36.96 -27.19 -9.26
C LEU B 318 37.17 -28.65 -8.88
N ILE B 319 37.13 -28.94 -7.58
CA ILE B 319 37.35 -30.30 -7.09
C ILE B 319 36.24 -31.21 -7.61
N ASN B 320 35.00 -30.97 -7.18
CA ASN B 320 33.87 -31.80 -7.58
C ASN B 320 32.64 -30.91 -7.63
N SER B 321 32.16 -30.64 -8.85
CA SER B 321 30.99 -29.80 -9.06
C SER B 321 29.70 -30.59 -9.14
N THR B 322 29.76 -31.91 -9.03
CA THR B 322 28.56 -32.73 -9.09
C THR B 322 27.74 -32.53 -7.82
N ASP B 323 26.52 -31.99 -7.98
CA ASP B 323 25.56 -31.75 -6.91
C ASP B 323 26.25 -31.51 -5.58
N PRO B 324 26.95 -30.38 -5.42
CA PRO B 324 27.69 -30.16 -4.16
C PRO B 324 26.75 -30.16 -2.96
N ALA B 325 27.21 -30.82 -1.89
CA ALA B 325 26.47 -30.97 -0.64
C ALA B 325 25.20 -31.79 -0.82
N GLY B 326 24.98 -32.37 -2.00
CA GLY B 326 23.75 -33.11 -2.25
C GLY B 326 22.50 -32.28 -2.07
N GLN B 327 22.55 -31.02 -2.48
CA GLN B 327 21.41 -30.13 -2.25
C GLN B 327 20.24 -30.46 -3.17
N LEU B 328 20.53 -30.77 -4.45
CA LEU B 328 19.45 -31.12 -5.36
C LEU B 328 18.72 -32.37 -4.89
N GLN B 329 19.46 -33.45 -4.63
CA GLN B 329 18.83 -34.66 -4.14
C GLN B 329 18.08 -34.40 -2.84
N TRP B 330 18.60 -33.52 -1.99
CA TRP B 330 17.87 -33.10 -0.80
C TRP B 330 16.63 -32.30 -1.18
N LEU B 331 16.76 -31.39 -2.15
CA LEU B 331 15.61 -30.63 -2.62
C LEU B 331 14.52 -31.55 -3.14
N VAL B 332 14.89 -32.55 -3.93
CA VAL B 332 13.90 -33.43 -4.55
C VAL B 332 13.14 -34.22 -3.47
N GLU B 333 13.82 -34.59 -2.39
CA GLU B 333 13.15 -35.32 -1.32
C GLU B 333 12.16 -34.42 -0.59
N GLU B 334 12.54 -33.16 -0.32
CA GLU B 334 11.62 -32.24 0.33
C GLU B 334 10.40 -31.98 -0.54
N LEU B 335 10.61 -31.74 -1.84
CA LEU B 335 9.50 -31.49 -2.74
C LEU B 335 8.56 -32.69 -2.81
N GLN B 336 9.12 -33.89 -2.90
CA GLN B 336 8.28 -35.09 -2.96
C GLN B 336 7.57 -35.31 -1.64
N ALA B 337 8.24 -35.03 -0.51
CA ALA B 337 7.56 -35.11 0.77
C ALA B 337 6.45 -34.08 0.87
N ALA B 338 6.65 -32.90 0.28
CA ALA B 338 5.61 -31.88 0.28
C ALA B 338 4.48 -32.25 -0.66
N GLU B 339 4.79 -32.90 -1.78
CA GLU B 339 3.74 -33.37 -2.67
C GLU B 339 2.90 -34.46 -2.00
N ASN B 340 3.55 -35.40 -1.31
CA ASN B 340 2.82 -36.46 -0.63
C ASN B 340 1.86 -35.88 0.41
N ARG B 341 2.33 -34.94 1.23
CA ARG B 341 1.48 -34.33 2.24
C ARG B 341 0.44 -33.40 1.64
N GLY B 342 0.62 -32.97 0.39
CA GLY B 342 -0.20 -31.92 -0.18
C GLY B 342 0.29 -30.52 0.09
N ASP B 343 1.51 -30.38 0.63
CA ASP B 343 2.06 -29.06 0.93
C ASP B 343 2.43 -28.32 -0.34
N LYS B 344 2.21 -27.02 -0.34
CA LYS B 344 2.80 -26.14 -1.35
C LYS B 344 4.18 -25.69 -0.88
N VAL B 345 4.97 -25.18 -1.82
CA VAL B 345 6.38 -24.93 -1.57
C VAL B 345 6.74 -23.52 -2.04
N HIS B 346 7.53 -22.83 -1.22
CA HIS B 346 8.26 -21.63 -1.62
C HIS B 346 9.74 -21.94 -1.54
N ILE B 347 10.48 -21.61 -2.60
CA ILE B 347 11.93 -21.70 -2.61
C ILE B 347 12.48 -20.29 -2.56
N ILE B 348 13.47 -20.07 -1.69
CA ILE B 348 14.19 -18.81 -1.63
C ILE B 348 15.68 -19.11 -1.76
N GLY B 349 16.39 -18.18 -2.38
CA GLY B 349 17.82 -18.30 -2.56
C GLY B 349 18.37 -16.98 -3.01
N HIS B 350 19.70 -16.94 -3.21
CA HIS B 350 20.34 -15.70 -3.60
C HIS B 350 20.54 -15.66 -5.11
N ILE B 351 21.50 -16.44 -5.61
CA ILE B 351 21.80 -16.48 -7.04
C ILE B 351 20.63 -17.13 -7.77
N PRO B 352 20.00 -16.44 -8.72
CA PRO B 352 18.88 -17.06 -9.45
C PRO B 352 19.36 -18.24 -10.28
N PRO B 353 18.48 -19.20 -10.56
CA PRO B 353 18.91 -20.38 -11.33
C PRO B 353 19.57 -20.05 -12.66
N GLY B 354 19.02 -19.10 -13.41
CA GLY B 354 19.58 -18.76 -14.71
C GLY B 354 21.03 -18.33 -14.66
N HIS B 355 21.51 -17.86 -13.51
CA HIS B 355 22.90 -17.46 -13.33
C HIS B 355 23.77 -18.58 -12.77
N CYS B 356 23.26 -19.82 -12.74
CA CYS B 356 24.00 -20.95 -12.20
C CYS B 356 24.84 -21.62 -13.29
N LEU B 357 25.65 -22.59 -12.87
CA LEU B 357 26.36 -23.43 -13.84
C LEU B 357 25.37 -24.19 -14.69
N LYS B 358 25.76 -24.43 -15.95
CA LYS B 358 24.86 -25.06 -16.91
C LYS B 358 24.27 -26.35 -16.35
N SER B 359 25.12 -27.23 -15.82
CA SER B 359 24.65 -28.52 -15.33
C SER B 359 23.70 -28.35 -14.16
N TRP B 360 24.13 -27.63 -13.12
CA TRP B 360 23.27 -27.36 -11.98
C TRP B 360 21.94 -26.76 -12.42
N SER B 361 22.01 -25.76 -13.31
CA SER B 361 20.81 -25.06 -13.73
C SER B 361 19.86 -25.99 -14.49
N TRP B 362 20.40 -26.87 -15.32
CA TRP B 362 19.55 -27.78 -16.09
C TRP B 362 18.85 -28.79 -15.19
N ASN B 363 19.57 -29.35 -14.22
CA ASN B 363 18.94 -30.29 -13.29
C ASN B 363 17.91 -29.60 -12.41
N TYR B 364 18.13 -28.32 -12.10
CA TYR B 364 17.14 -27.56 -11.35
C TYR B 364 15.90 -27.29 -12.20
N TYR B 365 16.08 -27.15 -13.51
CA TYR B 365 14.96 -26.84 -14.40
C TYR B 365 13.97 -28.00 -14.45
N LYS B 366 14.48 -29.22 -14.62
CA LYS B 366 13.59 -30.39 -14.67
C LYS B 366 12.93 -30.64 -13.32
N ILE B 367 13.56 -30.20 -12.23
CA ILE B 367 12.93 -30.31 -10.92
C ILE B 367 11.71 -29.40 -10.83
N ILE B 368 11.87 -28.14 -11.24
CA ILE B 368 10.72 -27.23 -11.28
C ILE B 368 9.62 -27.81 -12.14
N ALA B 369 9.98 -28.31 -13.33
CA ALA B 369 8.98 -28.86 -14.24
C ALA B 369 8.24 -30.02 -13.61
N ARG B 370 8.96 -30.91 -12.92
CA ARG B 370 8.33 -32.07 -12.30
C ARG B 370 7.32 -31.65 -11.23
N TYR B 371 7.66 -30.64 -10.44
CA TYR B 371 6.84 -30.24 -9.29
C TYR B 371 6.16 -28.90 -9.51
N GLU B 372 5.71 -28.65 -10.74
CA GLU B 372 5.04 -27.38 -11.05
C GLU B 372 3.80 -27.17 -10.18
N ASN B 373 3.05 -28.23 -9.93
CA ASN B 373 1.81 -28.11 -9.15
C ASN B 373 2.07 -27.98 -7.65
N THR B 374 3.25 -28.35 -7.18
CA THR B 374 3.58 -28.20 -5.76
C THR B 374 4.22 -26.86 -5.47
N LEU B 375 5.07 -26.38 -6.37
CA LEU B 375 5.73 -25.09 -6.17
C LEU B 375 4.71 -23.96 -6.24
N ALA B 376 4.66 -23.16 -5.19
CA ALA B 376 3.80 -21.97 -5.16
C ALA B 376 4.56 -20.69 -5.46
N GLY B 377 5.88 -20.68 -5.29
CA GLY B 377 6.66 -19.48 -5.55
C GLY B 377 8.15 -19.69 -5.46
N GLN B 378 8.89 -18.88 -6.22
CA GLN B 378 10.35 -18.88 -6.20
C GLN B 378 10.84 -17.44 -6.10
N PHE B 379 11.75 -17.18 -5.17
CA PHE B 379 12.21 -15.83 -4.89
C PHE B 379 13.74 -15.81 -4.83
N PHE B 380 14.34 -14.87 -5.54
CA PHE B 380 15.79 -14.77 -5.64
C PHE B 380 16.21 -13.30 -5.67
N GLY B 381 17.52 -13.07 -5.79
CA GLY B 381 18.06 -11.73 -5.88
C GLY B 381 19.37 -11.73 -6.65
N HIS B 382 20.42 -11.14 -6.07
CA HIS B 382 21.77 -11.20 -6.61
C HIS B 382 21.98 -10.22 -7.76
N THR B 383 20.97 -10.03 -8.62
CA THR B 383 21.13 -9.15 -9.77
C THR B 383 20.91 -7.68 -9.41
N HIS B 384 20.37 -7.39 -8.23
CA HIS B 384 20.17 -6.05 -7.70
C HIS B 384 19.10 -5.25 -8.43
N VAL B 385 18.51 -5.78 -9.51
CA VAL B 385 17.52 -5.07 -10.28
C VAL B 385 16.18 -5.81 -10.18
N ASP B 386 15.13 -5.15 -10.65
CA ASP B 386 13.77 -5.68 -10.58
C ASP B 386 13.53 -6.55 -11.81
N GLU B 387 13.59 -7.87 -11.63
CA GLU B 387 13.57 -8.80 -12.74
C GLU B 387 12.68 -9.99 -12.39
N PHE B 388 12.65 -10.97 -13.29
CA PHE B 388 12.01 -12.26 -13.04
C PHE B 388 12.53 -13.27 -14.06
N GLU B 389 12.35 -14.55 -13.74
CA GLU B 389 12.74 -15.65 -14.62
C GLU B 389 11.56 -16.60 -14.77
N ILE B 390 11.21 -16.91 -16.01
CA ILE B 390 10.09 -17.79 -16.32
C ILE B 390 10.62 -19.18 -16.64
N PHE B 391 9.94 -20.21 -16.11
CA PHE B 391 10.27 -21.60 -16.37
C PHE B 391 9.24 -22.18 -17.34
N TYR B 392 9.73 -22.98 -18.30
CA TYR B 392 8.88 -23.58 -19.32
C TYR B 392 8.99 -25.09 -19.28
N ASP B 393 8.09 -25.74 -20.02
CA ASP B 393 8.13 -27.18 -20.18
C ASP B 393 9.39 -27.60 -20.93
N GLU B 394 10.01 -28.70 -20.47
CA GLU B 394 11.27 -29.13 -21.05
C GLU B 394 11.11 -29.81 -22.40
N GLU B 395 9.87 -30.12 -22.81
CA GLU B 395 9.65 -30.79 -24.09
C GLU B 395 9.62 -29.81 -25.24
N THR B 396 8.89 -28.69 -25.08
CA THR B 396 8.73 -27.71 -26.13
C THR B 396 9.20 -26.32 -25.75
N LEU B 397 9.45 -26.05 -24.47
CA LEU B 397 9.92 -24.74 -24.01
C LEU B 397 8.98 -23.63 -24.45
N SER B 398 7.67 -23.88 -24.32
CA SER B 398 6.66 -22.92 -24.76
C SER B 398 5.54 -22.69 -23.76
N ARG B 399 5.27 -23.63 -22.85
CA ARG B 399 4.24 -23.43 -21.85
C ARG B 399 4.88 -22.91 -20.57
N PRO B 400 4.60 -21.69 -20.13
CA PRO B 400 5.13 -21.24 -18.84
C PRO B 400 4.46 -22.00 -17.70
N LEU B 401 5.27 -22.48 -16.77
CA LEU B 401 4.79 -23.28 -15.65
C LEU B 401 5.22 -22.77 -14.29
N ALA B 402 6.08 -21.75 -14.23
CA ALA B 402 6.55 -21.20 -12.96
C ALA B 402 7.30 -19.92 -13.25
N VAL B 403 7.38 -19.07 -12.22
CA VAL B 403 8.07 -17.79 -12.33
C VAL B 403 8.91 -17.60 -11.07
N ALA B 404 10.16 -17.16 -11.26
CA ALA B 404 11.04 -16.80 -10.17
C ALA B 404 11.20 -15.29 -10.13
N PHE B 405 10.85 -14.68 -9.01
CA PHE B 405 10.90 -13.23 -8.86
C PHE B 405 12.29 -12.82 -8.35
N LEU B 406 12.99 -12.02 -9.14
CA LEU B 406 14.31 -11.52 -8.78
C LEU B 406 14.14 -10.11 -8.23
N ALA B 407 14.08 -9.99 -6.90
CA ALA B 407 13.81 -8.71 -6.28
C ALA B 407 15.01 -7.78 -6.39
N PRO B 408 14.78 -6.47 -6.44
CA PRO B 408 15.90 -5.53 -6.54
C PRO B 408 16.56 -5.31 -5.17
N SER B 409 17.73 -4.69 -5.22
CA SER B 409 18.60 -4.60 -4.06
C SER B 409 18.26 -3.41 -3.18
N ALA B 410 18.51 -3.58 -1.88
CA ALA B 410 18.45 -2.45 -0.96
C ALA B 410 19.59 -1.48 -1.21
N THR B 411 20.77 -1.98 -1.61
CA THR B 411 21.92 -1.13 -1.81
C THR B 411 21.80 -0.31 -3.09
N THR B 412 22.70 0.66 -3.23
CA THR B 412 22.82 1.48 -4.42
C THR B 412 23.67 0.84 -5.50
N PHE B 413 24.51 -0.13 -5.14
CA PHE B 413 25.42 -0.80 -6.06
C PHE B 413 24.66 -1.44 -7.23
N ILE B 414 24.71 -0.90 -8.45
CA ILE B 414 25.45 0.31 -8.84
C ILE B 414 24.52 1.30 -9.51
N ASN B 415 24.64 2.57 -9.12
CA ASN B 415 23.87 3.64 -9.75
C ASN B 415 22.37 3.43 -9.61
N LEU B 416 21.96 2.80 -8.51
CA LEU B 416 20.57 2.44 -8.27
C LEU B 416 20.06 3.12 -6.99
N ASN B 417 18.75 3.35 -6.95
CA ASN B 417 18.11 3.76 -5.71
C ASN B 417 18.04 2.57 -4.76
N PRO B 418 18.12 2.81 -3.46
CA PRO B 418 17.76 1.75 -2.50
C PRO B 418 16.30 1.37 -2.66
N GLY B 419 16.01 0.08 -2.46
CA GLY B 419 14.65 -0.39 -2.57
C GLY B 419 14.45 -1.74 -1.91
N TYR B 420 13.19 -2.06 -1.64
CA TYR B 420 12.83 -3.37 -1.12
C TYR B 420 11.49 -3.78 -1.69
N ARG B 421 11.07 -5.02 -1.37
CA ARG B 421 9.97 -5.68 -2.03
C ARG B 421 9.03 -6.30 -1.00
N VAL B 422 7.73 -6.26 -1.29
CA VAL B 422 6.70 -6.87 -0.46
C VAL B 422 5.79 -7.68 -1.38
N TYR B 423 5.56 -8.94 -1.03
CA TYR B 423 4.72 -9.82 -1.82
C TYR B 423 3.38 -10.03 -1.13
N GLN B 424 2.30 -9.99 -1.93
CA GLN B 424 0.97 -10.34 -1.48
C GLN B 424 0.70 -11.76 -1.96
N ILE B 425 0.59 -12.70 -1.02
CA ILE B 425 0.39 -14.11 -1.35
C ILE B 425 -0.95 -14.56 -0.79
N ASP B 426 -1.50 -15.59 -1.42
CA ASP B 426 -2.73 -16.21 -0.93
C ASP B 426 -2.58 -16.59 0.54
N GLY B 427 -3.58 -16.24 1.35
CA GLY B 427 -3.44 -16.22 2.78
C GLY B 427 -3.30 -17.60 3.42
N ASN B 428 -3.41 -17.60 4.75
CA ASN B 428 -3.19 -18.78 5.58
C ASN B 428 -4.54 -19.43 5.87
N TYR B 429 -4.84 -20.51 5.14
CA TYR B 429 -6.07 -21.25 5.36
C TYR B 429 -5.98 -22.56 4.57
N PRO B 430 -6.79 -23.56 4.93
CA PRO B 430 -6.78 -24.82 4.18
C PRO B 430 -7.26 -24.62 2.75
N GLY B 431 -6.58 -25.27 1.82
CA GLY B 431 -6.88 -25.14 0.41
C GLY B 431 -6.22 -23.96 -0.27
N SER B 432 -5.54 -23.09 0.48
CA SER B 432 -4.85 -21.96 -0.11
C SER B 432 -3.81 -22.43 -1.13
N SER B 433 -3.59 -21.60 -2.15
CA SER B 433 -2.54 -21.87 -3.12
C SER B 433 -1.17 -21.41 -2.66
N HIS B 434 -1.11 -20.44 -1.73
CA HIS B 434 0.12 -19.85 -1.24
C HIS B 434 0.89 -19.12 -2.33
N VAL B 435 0.26 -18.85 -3.46
CA VAL B 435 0.94 -18.29 -4.62
C VAL B 435 0.98 -16.77 -4.50
N VAL B 436 1.97 -16.17 -5.15
CA VAL B 436 2.03 -14.71 -5.24
C VAL B 436 0.82 -14.21 -6.02
N LEU B 437 0.10 -13.25 -5.44
CA LEU B 437 -1.03 -12.61 -6.10
C LEU B 437 -0.69 -11.24 -6.65
N ASP B 438 0.32 -10.58 -6.10
CA ASP B 438 0.71 -9.23 -6.47
C ASP B 438 1.94 -8.88 -5.65
N HIS B 439 2.71 -7.90 -6.10
CA HIS B 439 3.84 -7.44 -5.31
C HIS B 439 4.04 -5.95 -5.51
N GLU B 440 4.75 -5.35 -4.56
CA GLU B 440 4.99 -3.92 -4.52
C GLU B 440 6.47 -3.66 -4.27
N THR B 441 6.97 -2.56 -4.82
CA THR B 441 8.36 -2.16 -4.67
C THR B 441 8.42 -0.78 -4.04
N TYR B 442 9.22 -0.65 -2.99
CA TYR B 442 9.45 0.61 -2.30
C TYR B 442 10.90 1.03 -2.49
N ILE B 443 11.12 2.32 -2.69
CA ILE B 443 12.46 2.85 -2.90
C ILE B 443 12.71 4.01 -1.96
N LEU B 444 13.97 4.45 -1.94
CA LEU B 444 14.36 5.72 -1.34
C LEU B 444 14.97 6.56 -2.45
N ASN B 445 14.31 7.65 -2.80
CA ASN B 445 14.77 8.54 -3.86
C ASN B 445 15.92 9.37 -3.31
N LEU B 446 17.16 8.93 -3.54
CA LEU B 446 18.32 9.64 -3.01
C LEU B 446 18.36 11.07 -3.50
N THR B 447 17.95 11.31 -4.75
CA THR B 447 17.95 12.67 -5.28
C THR B 447 17.22 13.64 -4.36
N GLN B 448 16.20 13.15 -3.65
CA GLN B 448 15.46 13.97 -2.70
C GLN B 448 16.02 13.85 -1.29
N ALA B 449 16.23 12.61 -0.82
CA ALA B 449 16.73 12.41 0.54
C ALA B 449 18.05 13.14 0.76
N ASN B 450 18.97 13.05 -0.20
CA ASN B 450 20.26 13.73 -0.08
C ASN B 450 20.17 15.23 -0.39
N ALA B 451 19.04 15.69 -0.93
CA ALA B 451 18.90 17.11 -1.20
C ALA B 451 19.02 17.91 0.09
N ALA B 452 19.40 19.19 -0.06
CA ALA B 452 19.59 20.06 1.09
C ALA B 452 18.32 20.13 1.92
N GLY B 453 18.44 19.82 3.21
CA GLY B 453 17.29 19.83 4.09
C GLY B 453 16.32 18.70 3.89
N GLY B 454 16.66 17.71 3.06
CA GLY B 454 15.78 16.59 2.83
C GLY B 454 15.82 15.57 3.95
N THR B 455 14.77 14.75 4.00
CA THR B 455 14.64 13.69 4.99
C THR B 455 14.22 12.41 4.28
N PRO B 456 14.84 11.27 4.61
CA PRO B 456 14.52 10.04 3.88
C PRO B 456 13.07 9.61 4.06
N SER B 457 12.29 9.72 2.99
CA SER B 457 10.92 9.23 2.96
C SER B 457 10.85 8.10 1.96
N TRP B 458 10.69 6.87 2.46
CA TRP B 458 10.54 5.71 1.59
C TRP B 458 9.13 5.68 1.03
N LYS B 459 9.01 5.49 -0.28
CA LYS B 459 7.72 5.55 -0.95
C LYS B 459 7.56 4.33 -1.85
N ARG B 460 6.30 3.97 -2.10
CA ARG B 460 6.01 2.85 -2.99
C ARG B 460 6.24 3.28 -4.43
N LEU B 461 7.16 2.59 -5.11
CA LEU B 461 7.45 2.94 -6.50
C LEU B 461 6.34 2.50 -7.43
N TYR B 462 5.80 1.29 -7.21
CA TYR B 462 4.77 0.78 -8.11
C TYR B 462 4.20 -0.51 -7.55
N ARG B 463 3.04 -0.89 -8.06
CA ARG B 463 2.44 -2.18 -7.81
C ARG B 463 2.31 -2.93 -9.13
N ALA B 464 2.64 -4.22 -9.10
CA ALA B 464 2.77 -5.02 -10.32
C ALA B 464 1.50 -4.99 -11.16
N ARG B 465 0.42 -5.61 -10.65
CA ARG B 465 -0.79 -5.78 -11.45
C ARG B 465 -1.33 -4.45 -11.94
N GLU B 466 -1.12 -3.37 -11.18
CA GLU B 466 -1.69 -2.08 -11.55
C GLU B 466 -0.94 -1.47 -12.73
N THR B 467 0.38 -1.36 -12.62
CA THR B 467 1.16 -0.71 -13.68
C THR B 467 1.16 -1.54 -14.96
N TYR B 468 1.14 -2.87 -14.85
CA TYR B 468 1.20 -3.74 -16.02
C TYR B 468 -0.17 -4.26 -16.44
N GLY B 469 -1.23 -3.92 -15.72
CA GLY B 469 -2.56 -4.37 -16.06
C GLY B 469 -2.67 -5.86 -16.21
N LEU B 470 -2.25 -6.61 -15.16
CA LEU B 470 -2.28 -8.06 -15.20
C LEU B 470 -3.49 -8.60 -14.44
N PRO B 471 -4.16 -9.63 -14.93
CA PRO B 471 -5.28 -10.21 -14.18
C PRO B 471 -4.84 -10.99 -12.95
N ASP B 472 -3.58 -11.40 -12.89
CA ASP B 472 -3.02 -12.07 -11.73
C ASP B 472 -1.50 -12.02 -11.85
N ALA B 473 -0.81 -12.72 -10.96
CA ALA B 473 0.65 -12.82 -11.00
C ALA B 473 1.11 -14.22 -11.38
N MET B 474 0.29 -14.95 -12.13
CA MET B 474 0.61 -16.31 -12.52
C MET B 474 1.71 -16.32 -13.58
N PRO B 475 2.43 -17.43 -13.72
CA PRO B 475 3.51 -17.49 -14.73
C PRO B 475 3.04 -17.13 -16.13
N ALA B 476 1.74 -17.32 -16.44
CA ALA B 476 1.25 -16.97 -17.76
C ALA B 476 1.10 -15.47 -17.93
N SER B 477 0.85 -14.73 -16.84
CA SER B 477 0.75 -13.28 -16.93
C SER B 477 2.11 -12.65 -17.21
N TRP B 478 3.19 -13.24 -16.71
CA TRP B 478 4.52 -12.71 -16.97
C TRP B 478 5.03 -13.13 -18.34
N HIS B 479 4.69 -14.35 -18.77
CA HIS B 479 4.96 -14.75 -20.15
C HIS B 479 4.36 -13.75 -21.13
N ASN B 480 3.10 -13.39 -20.91
CA ASN B 480 2.44 -12.44 -21.80
C ASN B 480 2.99 -11.04 -21.64
N LEU B 481 3.48 -10.70 -20.45
CA LEU B 481 4.11 -9.39 -20.27
C LEU B 481 5.35 -9.27 -21.13
N VAL B 482 6.17 -10.32 -21.20
CA VAL B 482 7.40 -10.27 -21.97
C VAL B 482 7.10 -9.93 -23.43
N TYR B 483 6.16 -10.66 -24.03
CA TYR B 483 5.88 -10.47 -25.45
C TYR B 483 5.05 -9.22 -25.73
N ARG B 484 4.30 -8.74 -24.74
CA ARG B 484 3.69 -7.41 -24.86
C ARG B 484 4.77 -6.34 -24.91
N MET B 485 5.86 -6.52 -24.14
CA MET B 485 6.94 -5.56 -24.14
C MET B 485 7.78 -5.64 -25.41
N ARG B 486 7.87 -6.84 -26.00
CA ARG B 486 8.53 -6.95 -27.30
C ARG B 486 7.82 -6.12 -28.36
N ASP B 487 6.52 -5.94 -28.22
CA ASP B 487 5.72 -5.23 -29.21
C ASP B 487 5.46 -3.78 -28.87
N ASP B 488 5.46 -3.42 -27.59
CA ASP B 488 5.15 -2.07 -27.15
C ASP B 488 6.40 -1.44 -26.56
N GLU B 489 7.00 -0.49 -27.30
CA GLU B 489 8.20 0.19 -26.82
C GLU B 489 7.94 0.90 -25.49
N GLN B 490 6.88 1.70 -25.44
CA GLN B 490 6.59 2.47 -24.23
C GLN B 490 6.43 1.56 -23.02
N LEU B 491 5.86 0.37 -23.22
CA LEU B 491 5.65 -0.54 -22.10
C LEU B 491 6.98 -1.06 -21.57
N PHE B 492 7.91 -1.42 -22.46
CA PHE B 492 9.21 -1.87 -22.00
C PHE B 492 9.95 -0.79 -21.22
N GLN B 493 9.79 0.46 -21.65
CA GLN B 493 10.47 1.56 -20.96
C GLN B 493 9.94 1.74 -19.54
N THR B 494 8.66 1.45 -19.31
CA THR B 494 8.17 1.38 -17.95
C THR B 494 8.90 0.30 -17.17
N PHE B 495 8.99 -0.90 -17.74
CA PHE B 495 9.75 -1.97 -17.13
C PHE B 495 11.21 -1.58 -16.96
N TRP B 496 11.77 -0.89 -17.96
CA TRP B 496 13.15 -0.43 -17.88
C TRP B 496 13.33 0.57 -16.75
N PHE B 497 12.33 1.44 -16.56
CA PHE B 497 12.38 2.41 -15.47
C PHE B 497 12.33 1.73 -14.11
N LEU B 498 11.41 0.79 -13.92
CA LEU B 498 11.30 0.09 -12.66
C LEU B 498 12.44 -0.91 -12.47
N TYR B 499 12.96 -1.45 -13.57
CA TYR B 499 14.14 -2.30 -13.55
C TYR B 499 15.23 -1.70 -12.66
N HIS B 500 15.47 -0.39 -12.80
CA HIS B 500 16.52 0.30 -12.07
C HIS B 500 15.99 1.03 -10.83
N LYS B 501 14.79 0.66 -10.36
CA LYS B 501 14.21 1.29 -9.18
C LYS B 501 14.06 2.79 -9.37
N GLY B 502 13.66 3.21 -10.56
CA GLY B 502 13.40 4.60 -10.84
C GLY B 502 14.61 5.45 -11.14
N HIS B 503 15.75 4.85 -11.43
CA HIS B 503 16.98 5.57 -11.73
C HIS B 503 17.67 4.88 -12.89
N PRO B 504 17.13 5.02 -14.10
CA PRO B 504 17.70 4.32 -15.26
C PRO B 504 19.00 4.95 -15.70
N PRO B 505 19.82 4.23 -16.47
CA PRO B 505 21.08 4.83 -16.94
C PRO B 505 20.84 5.91 -17.99
N SER B 506 21.93 6.53 -18.46
CA SER B 506 21.81 7.60 -19.43
C SER B 506 21.58 7.07 -20.84
N GLU B 507 22.39 6.10 -21.27
CA GLU B 507 22.28 5.57 -22.62
C GLU B 507 20.93 4.91 -22.83
N PRO B 508 20.14 5.31 -23.82
CA PRO B 508 18.85 4.66 -24.03
C PRO B 508 19.02 3.18 -24.32
N CYS B 509 17.98 2.41 -23.98
CA CYS B 509 17.96 0.97 -24.21
C CYS B 509 17.14 0.72 -25.46
N GLY B 510 17.82 0.64 -26.60
CA GLY B 510 17.16 0.43 -27.87
C GLY B 510 16.71 -1.00 -28.07
N THR B 511 16.50 -1.36 -29.33
CA THR B 511 16.04 -2.71 -29.66
C THR B 511 17.03 -3.78 -29.23
N PRO B 512 18.32 -3.71 -29.60
CA PRO B 512 19.24 -4.77 -29.15
C PRO B 512 19.33 -4.89 -27.64
N CYS B 513 19.40 -3.76 -26.93
CA CYS B 513 19.37 -3.79 -25.48
C CYS B 513 18.04 -4.35 -24.97
N ARG B 514 16.95 -3.99 -25.63
CA ARG B 514 15.63 -4.47 -25.22
C ARG B 514 15.55 -5.98 -25.33
N LEU B 515 15.81 -6.52 -26.52
CA LEU B 515 15.70 -7.96 -26.73
C LEU B 515 16.65 -8.73 -25.82
N ALA B 516 17.83 -8.17 -25.52
CA ALA B 516 18.73 -8.81 -24.58
C ALA B 516 18.08 -8.95 -23.21
N THR B 517 17.42 -7.89 -22.74
CA THR B 517 16.78 -7.93 -21.43
C THR B 517 15.61 -8.90 -21.43
N LEU B 518 14.74 -8.82 -22.44
CA LEU B 518 13.59 -9.71 -22.50
C LEU B 518 14.00 -11.17 -22.53
N CYS B 519 15.13 -11.48 -23.20
CA CYS B 519 15.60 -12.85 -23.24
C CYS B 519 16.01 -13.34 -21.85
N ALA B 520 16.60 -12.46 -21.05
CA ALA B 520 16.95 -12.84 -19.68
C ALA B 520 15.71 -13.21 -18.88
N GLN B 521 14.58 -12.55 -19.14
CA GLN B 521 13.34 -12.88 -18.44
C GLN B 521 12.83 -14.26 -18.82
N LEU B 522 13.25 -14.81 -19.96
CA LEU B 522 12.85 -16.13 -20.41
C LEU B 522 13.90 -17.20 -20.11
N SER B 523 15.03 -16.81 -19.52
CA SER B 523 16.17 -17.71 -19.37
C SER B 523 16.36 -18.08 -17.91
N ALA B 524 15.45 -18.92 -17.41
CA ALA B 524 15.64 -19.58 -16.13
C ALA B 524 16.63 -20.74 -16.22
N ARG B 525 17.09 -21.07 -17.42
CA ARG B 525 18.06 -22.13 -17.65
C ARG B 525 19.21 -21.57 -18.47
N ALA B 526 20.42 -21.71 -17.97
CA ALA B 526 21.58 -21.09 -18.58
C ALA B 526 21.92 -21.75 -19.91
N ASP B 527 22.40 -20.94 -20.86
CA ASP B 527 22.88 -21.40 -22.16
C ASP B 527 21.86 -22.33 -22.82
N SER B 528 20.76 -21.71 -23.26
CA SER B 528 19.70 -22.42 -23.97
C SER B 528 18.99 -21.43 -24.89
N PRO B 529 19.55 -21.19 -26.08
CA PRO B 529 18.96 -20.17 -26.98
C PRO B 529 17.51 -20.43 -27.32
N ALA B 530 17.05 -21.69 -27.28
CA ALA B 530 15.70 -22.00 -27.72
C ALA B 530 14.66 -21.24 -26.92
N LEU B 531 14.96 -20.88 -25.67
CA LEU B 531 13.99 -20.18 -24.85
C LEU B 531 13.70 -18.78 -25.35
N CYS B 532 14.61 -18.20 -26.13
CA CYS B 532 14.46 -16.84 -26.64
C CYS B 532 14.23 -16.79 -28.16
N ARG B 533 13.95 -17.94 -28.77
CA ARG B 533 13.82 -17.98 -30.23
C ARG B 533 12.65 -17.14 -30.73
N HIS B 534 11.58 -17.02 -29.93
CA HIS B 534 10.38 -16.32 -30.36
C HIS B 534 10.47 -14.82 -30.20
N LEU B 535 11.60 -14.29 -29.74
CA LEU B 535 11.75 -12.85 -29.62
C LEU B 535 12.19 -12.21 -30.93
N MET B 536 12.89 -12.96 -31.78
CA MET B 536 13.35 -12.45 -33.06
C MET B 536 13.39 -13.63 -34.02
N PRO B 537 12.79 -13.52 -35.22
CA PRO B 537 12.75 -14.66 -36.14
C PRO B 537 14.15 -15.13 -36.57
#